data_1JU2
#
_entry.id   1JU2
#
_cell.length_a   56.176
_cell.length_b   67.494
_cell.length_c   79.796
_cell.angle_alpha   79.57
_cell.angle_beta   77.78
_cell.angle_gamma   67.19
#
_symmetry.space_group_name_H-M   'P 1'
#
loop_
_entity.id
_entity.type
_entity.pdbx_description
1 polymer 'hydroxynitrile lyase'
2 branched 2-acetamido-2-deoxy-alpha-D-glucopyranose-(1-4)-2-acetamido-2-deoxy-beta-D-glucopyranose
3 branched alpha-D-mannopyranose-(1-6)-beta-D-mannopyranose-(1-4)-2-acetamido-2-deoxy-beta-D-glucopyranose-(1-4)-[alpha-L-fucopyranose-(1-3)]2-acetamido-2-deoxy-beta-D-glucopyranose
4 branched beta-D-mannopyranose-(1-3)-beta-D-mannopyranose-(1-4)-2-acetamido-2-deoxy-beta-D-glucopyranose-(1-4)-[alpha-L-fucopyranose-(1-3)]2-acetamido-2-deoxy-beta-D-glucopyranose
5 branched 2-acetamido-2-deoxy-beta-D-glucopyranose-(1-4)-2-acetamido-2-deoxy-beta-D-glucopyranose
6 branched beta-D-mannopyranose-(1-4)-2-acetamido-2-deoxy-beta-D-glucopyranose-(1-4)-[alpha-L-fucopyranose-(1-3)]2-acetamido-2-deoxy-beta-D-glucopyranose
7 non-polymer 2-acetamido-2-deoxy-beta-D-glucopyranose
8 non-polymer 'FLAVIN-ADENINE DINUCLEOTIDE'
9 non-polymer 'ISOPROPYL ALCOHOL'
10 water water
#
_entity_poly.entity_id   1
_entity_poly.type   'polypeptide(L)'
_entity_poly.pdbx_seq_one_letter_code
;LATTSDHDFSYLSFAYDATDLELEGSYDYVIVGGGTSGCPLAATLSEKYKVLVLERGSLPTAYPNVLTADGFVYNLQQED
DGKTPVERFVSEDGIDNVRGRVLGGTSIINAGVYARANTSIYSASGVDWDMDLVNQTYEWVEDTIVYKPNSQSWQSVTKT
AFLEAGVHPNHGFSLDHEEGTRITGSTFDNKGTRHAADELLNKGNSNNLRVGVHASVEKIIFSNAPGLTATGVIYRDSNG
TPHQAFVRSKGEVIVSAGTIGTPQLLLLSGVGPESYLSSLNIPVVLSHPYVGQFLHDNPRNFINILPPNPIEPTIVTVLG
ISNDFYQCSFSSLPFTTPPFGFFPSSSYPLPNSTFAHFASKVAGPLSYGSLTLKSSSNVRVSPNVKFNYYSNLTDLSHCV
SGMKKIGELLSTDALKPYKVEDLPGVEGFNILGIPLPKDQTDDAAFETFCRESVASYWHYHGGCLVGKVLDGDFRVTGIN
ALRVVDGSTFPYTPASHPQGFYLMLGRYVGIKILQERSASDLKILDSLKSAASLVL
;
_entity_poly.pdbx_strand_id   A,B
#
loop_
_chem_comp.id
_chem_comp.type
_chem_comp.name
_chem_comp.formula
BMA D-saccharide, beta linking beta-D-mannopyranose 'C6 H12 O6'
FAD non-polymer 'FLAVIN-ADENINE DINUCLEOTIDE' 'C27 H33 N9 O15 P2'
FUC L-saccharide, alpha linking alpha-L-fucopyranose 'C6 H12 O5'
IPA non-polymer 'ISOPROPYL ALCOHOL' 'C3 H8 O'
MAN D-saccharide, alpha linking alpha-D-mannopyranose 'C6 H12 O6'
NAG D-saccharide, beta linking 2-acetamido-2-deoxy-beta-D-glucopyranose 'C8 H15 N O6'
NDG D-saccharide, alpha linking 2-acetamido-2-deoxy-alpha-D-glucopyranose 'C8 H15 N O6'
#
# COMPACT_ATOMS: atom_id res chain seq x y z
N LEU A 1 -14.49 -30.77 27.39
CA LEU A 1 -15.12 -30.76 26.04
C LEU A 1 -16.64 -30.71 26.13
N ALA A 2 -17.26 -30.07 25.14
CA ALA A 2 -18.71 -29.92 25.10
C ALA A 2 -19.37 -31.00 24.28
N THR A 3 -20.69 -31.08 24.40
CA THR A 3 -21.48 -32.06 23.66
C THR A 3 -22.32 -31.32 22.62
N THR A 4 -22.34 -31.85 21.41
CA THR A 4 -23.08 -31.26 20.31
C THR A 4 -24.46 -30.72 20.72
N SER A 5 -24.75 -29.49 20.32
CA SER A 5 -26.02 -28.83 20.64
C SER A 5 -26.20 -27.61 19.75
N ASP A 6 -27.40 -27.01 19.79
CA ASP A 6 -27.65 -25.82 18.99
C ASP A 6 -26.85 -24.67 19.58
N HIS A 7 -26.59 -23.65 18.76
CA HIS A 7 -25.87 -22.48 19.22
C HIS A 7 -26.73 -21.85 20.31
N ASP A 8 -26.14 -21.60 21.48
CA ASP A 8 -26.87 -21.03 22.62
C ASP A 8 -27.02 -19.51 22.58
N PHE A 9 -28.23 -19.05 22.28
CA PHE A 9 -28.51 -17.61 22.21
C PHE A 9 -29.31 -17.10 23.41
N SER A 10 -29.16 -17.75 24.56
CA SER A 10 -29.88 -17.32 25.75
C SER A 10 -29.52 -15.89 26.15
N TYR A 11 -28.29 -15.49 25.85
CA TYR A 11 -27.82 -14.15 26.19
C TYR A 11 -28.59 -13.04 25.48
N LEU A 12 -29.36 -13.39 24.46
CA LEU A 12 -30.13 -12.38 23.73
C LEU A 12 -31.06 -11.61 24.66
N SER A 13 -31.35 -12.19 25.81
CA SER A 13 -32.23 -11.54 26.79
C SER A 13 -31.63 -10.23 27.31
N PHE A 14 -30.30 -10.13 27.29
CA PHE A 14 -29.66 -8.92 27.76
C PHE A 14 -28.82 -8.23 26.69
N ALA A 15 -29.19 -8.45 25.43
CA ALA A 15 -28.50 -7.83 24.30
C ALA A 15 -29.41 -6.75 23.76
N TYR A 16 -28.87 -5.55 23.59
CA TYR A 16 -29.65 -4.42 23.09
C TYR A 16 -28.94 -3.72 21.95
N ASP A 17 -29.71 -3.07 21.09
CA ASP A 17 -29.12 -2.31 20.00
C ASP A 17 -28.73 -1.00 20.66
N ALA A 18 -27.58 -0.44 20.28
CA ALA A 18 -27.12 0.80 20.87
C ALA A 18 -28.19 1.88 20.91
N THR A 19 -29.06 1.90 19.90
CA THR A 19 -30.13 2.90 19.85
C THR A 19 -31.06 2.79 21.05
N ASP A 20 -31.15 1.60 21.62
CA ASP A 20 -32.03 1.38 22.77
C ASP A 20 -31.35 1.53 24.12
N LEU A 21 -30.03 1.73 24.11
CA LEU A 21 -29.27 1.90 25.34
C LEU A 21 -29.39 3.33 25.82
N GLU A 22 -29.25 3.55 27.12
CA GLU A 22 -29.35 4.89 27.69
C GLU A 22 -28.27 5.80 27.10
N LEU A 23 -28.57 7.09 26.99
CA LEU A 23 -27.61 8.05 26.44
C LEU A 23 -26.41 8.21 27.37
N GLU A 24 -26.64 8.03 28.67
CA GLU A 24 -25.57 8.14 29.65
C GLU A 24 -25.74 7.04 30.70
N GLY A 25 -24.84 6.07 30.69
CA GLY A 25 -24.91 4.97 31.63
C GLY A 25 -23.73 4.87 32.57
N SER A 26 -23.94 4.18 33.68
CA SER A 26 -22.91 3.98 34.70
C SER A 26 -22.78 2.48 34.98
N TYR A 27 -21.55 1.98 34.93
CA TYR A 27 -21.29 0.56 35.18
C TYR A 27 -19.98 0.39 35.95
N ASP A 28 -19.71 -0.85 36.39
CA ASP A 28 -18.47 -1.14 37.08
C ASP A 28 -17.37 -1.33 36.03
N TYR A 29 -17.71 -2.05 34.96
CA TYR A 29 -16.76 -2.28 33.88
C TYR A 29 -17.39 -2.09 32.51
N VAL A 30 -16.63 -1.48 31.61
CA VAL A 30 -17.06 -1.24 30.25
C VAL A 30 -16.02 -1.93 29.37
N ILE A 31 -16.47 -2.87 28.56
CA ILE A 31 -15.58 -3.61 27.67
C ILE A 31 -15.83 -3.22 26.23
N VAL A 32 -14.79 -2.74 25.57
CA VAL A 32 -14.90 -2.32 24.17
C VAL A 32 -14.54 -3.50 23.28
N GLY A 33 -15.52 -3.99 22.53
CA GLY A 33 -15.30 -5.12 21.65
C GLY A 33 -15.79 -6.42 22.25
N GLY A 34 -16.90 -6.93 21.74
CA GLY A 34 -17.44 -8.19 22.25
C GLY A 34 -16.93 -9.30 21.38
N GLY A 35 -15.61 -9.47 21.39
CA GLY A 35 -14.97 -10.48 20.57
C GLY A 35 -14.52 -11.73 21.29
N THR A 36 -13.49 -12.36 20.74
CA THR A 36 -12.94 -13.59 21.27
C THR A 36 -12.54 -13.49 22.74
N SER A 37 -11.76 -12.47 23.08
CA SER A 37 -11.34 -12.28 24.48
C SER A 37 -12.40 -11.50 25.24
N GLY A 38 -13.01 -10.54 24.57
CA GLY A 38 -14.02 -9.69 25.19
C GLY A 38 -15.22 -10.35 25.81
N CYS A 39 -15.79 -11.33 25.13
CA CYS A 39 -16.97 -12.01 25.65
C CYS A 39 -16.68 -12.78 26.95
N PRO A 40 -15.67 -13.66 26.96
CA PRO A 40 -15.40 -14.37 28.21
C PRO A 40 -14.98 -13.43 29.34
N LEU A 41 -14.31 -12.34 28.99
CA LEU A 41 -13.90 -11.37 29.99
C LEU A 41 -15.15 -10.73 30.62
N ALA A 42 -16.08 -10.31 29.77
CA ALA A 42 -17.32 -9.70 30.23
C ALA A 42 -18.15 -10.62 31.11
N ALA A 43 -18.31 -11.85 30.66
CA ALA A 43 -19.08 -12.84 31.40
C ALA A 43 -18.48 -13.06 32.78
N THR A 44 -17.16 -13.18 32.82
CA THR A 44 -16.47 -13.41 34.08
C THR A 44 -16.65 -12.28 35.07
N LEU A 45 -16.45 -11.05 34.62
CA LEU A 45 -16.61 -9.90 35.49
C LEU A 45 -18.06 -9.75 35.96
N SER A 46 -19.02 -10.11 35.10
CA SER A 46 -20.43 -10.00 35.44
C SER A 46 -20.85 -10.91 36.59
N GLU A 47 -19.97 -11.83 36.97
CA GLU A 47 -20.28 -12.74 38.07
C GLU A 47 -20.49 -11.97 39.37
N LYS A 48 -19.88 -10.80 39.47
CA LYS A 48 -20.00 -9.99 40.67
C LYS A 48 -20.27 -8.51 40.44
N TYR A 49 -19.98 -8.02 39.23
CA TYR A 49 -20.17 -6.60 38.95
C TYR A 49 -21.03 -6.28 37.73
N LYS A 50 -21.40 -5.00 37.60
CA LYS A 50 -22.22 -4.54 36.50
C LYS A 50 -21.31 -4.27 35.31
N VAL A 51 -21.56 -5.01 34.24
CA VAL A 51 -20.74 -4.92 33.04
C VAL A 51 -21.51 -4.55 31.78
N LEU A 52 -20.88 -3.73 30.95
CA LEU A 52 -21.46 -3.33 29.67
C LEU A 52 -20.44 -3.65 28.59
N VAL A 53 -20.88 -4.41 27.59
CA VAL A 53 -20.03 -4.77 26.46
C VAL A 53 -20.56 -3.99 25.28
N LEU A 54 -19.67 -3.34 24.54
CA LEU A 54 -20.05 -2.56 23.38
C LEU A 54 -19.40 -3.14 22.13
N GLU A 55 -20.22 -3.67 21.24
CA GLU A 55 -19.77 -4.28 20.00
C GLU A 55 -20.28 -3.52 18.78
N ARG A 56 -19.38 -3.18 17.86
CA ARG A 56 -19.75 -2.43 16.66
C ARG A 56 -20.60 -3.23 15.68
N GLY A 57 -20.40 -4.55 15.64
CA GLY A 57 -21.14 -5.40 14.72
C GLY A 57 -22.53 -5.83 15.17
N SER A 58 -23.16 -6.66 14.35
CA SER A 58 -24.51 -7.17 14.62
C SER A 58 -24.48 -8.46 15.45
N LEU A 59 -25.67 -8.93 15.81
CA LEU A 59 -25.79 -10.19 16.53
C LEU A 59 -25.53 -11.26 15.48
N PRO A 60 -25.07 -12.44 15.89
CA PRO A 60 -24.80 -13.50 14.90
C PRO A 60 -26.06 -13.90 14.12
N THR A 61 -27.22 -13.74 14.76
CA THR A 61 -28.49 -14.09 14.13
C THR A 61 -28.76 -13.28 12.87
N ALA A 62 -28.13 -12.12 12.74
CA ALA A 62 -28.34 -11.26 11.57
C ALA A 62 -27.69 -11.83 10.32
N TYR A 63 -26.75 -12.75 10.50
CA TYR A 63 -26.04 -13.38 9.39
C TYR A 63 -25.94 -14.88 9.66
N PRO A 64 -27.04 -15.60 9.43
CA PRO A 64 -27.16 -17.05 9.63
C PRO A 64 -26.00 -17.93 9.20
N ASN A 65 -25.33 -17.57 8.11
CA ASN A 65 -24.24 -18.39 7.63
C ASN A 65 -22.96 -18.40 8.46
N VAL A 66 -22.93 -17.61 9.53
CA VAL A 66 -21.75 -17.62 10.39
C VAL A 66 -21.98 -18.73 11.44
N LEU A 67 -23.15 -19.37 11.37
CA LEU A 67 -23.49 -20.40 12.35
C LEU A 67 -23.28 -21.85 11.94
N THR A 68 -22.70 -22.08 10.76
CA THR A 68 -22.45 -23.43 10.29
C THR A 68 -21.08 -23.55 9.64
N ALA A 69 -20.54 -24.76 9.61
CA ALA A 69 -19.25 -24.98 8.99
C ALA A 69 -19.40 -24.80 7.47
N ASP A 70 -20.56 -25.15 6.93
CA ASP A 70 -20.79 -25.02 5.49
C ASP A 70 -20.81 -23.55 5.06
N GLY A 71 -20.88 -22.64 6.03
CA GLY A 71 -20.93 -21.23 5.70
C GLY A 71 -19.61 -20.48 5.78
N PHE A 72 -18.55 -21.17 6.20
CA PHE A 72 -17.24 -20.54 6.34
C PHE A 72 -16.79 -19.73 5.12
N VAL A 73 -16.71 -20.40 3.97
CA VAL A 73 -16.30 -19.74 2.74
C VAL A 73 -17.31 -18.67 2.33
N TYR A 74 -18.59 -18.96 2.51
CA TYR A 74 -19.65 -18.01 2.17
C TYR A 74 -19.42 -16.62 2.77
N ASN A 75 -19.14 -16.57 4.07
CA ASN A 75 -18.95 -15.28 4.73
C ASN A 75 -17.80 -14.48 4.13
N LEU A 76 -16.75 -15.19 3.72
CA LEU A 76 -15.58 -14.54 3.13
C LEU A 76 -15.86 -14.06 1.70
N GLN A 77 -16.83 -14.70 1.04
CA GLN A 77 -17.20 -14.34 -0.31
C GLN A 77 -18.12 -13.13 -0.38
N GLN A 78 -18.87 -12.90 0.70
CA GLN A 78 -19.82 -11.80 0.72
C GLN A 78 -19.21 -10.41 0.63
N GLU A 79 -19.84 -9.57 -0.19
CA GLU A 79 -19.36 -8.20 -0.38
C GLU A 79 -19.43 -7.43 0.94
N ASP A 80 -18.39 -6.64 1.18
CA ASP A 80 -18.30 -5.84 2.40
C ASP A 80 -19.10 -4.56 2.25
N ASP A 81 -20.27 -4.51 2.87
CA ASP A 81 -21.11 -3.33 2.80
C ASP A 81 -20.99 -2.46 4.05
N GLY A 82 -19.98 -2.76 4.86
CA GLY A 82 -19.77 -1.99 6.09
C GLY A 82 -20.52 -2.51 7.30
N LYS A 83 -21.42 -3.47 7.08
CA LYS A 83 -22.21 -4.02 8.18
C LYS A 83 -22.02 -5.53 8.33
N THR A 84 -21.57 -6.17 7.26
CA THR A 84 -21.36 -7.61 7.26
C THR A 84 -20.34 -8.05 8.30
N PRO A 85 -20.40 -9.32 8.74
CA PRO A 85 -19.49 -9.87 9.75
C PRO A 85 -18.03 -9.99 9.36
N VAL A 86 -17.75 -9.96 8.06
CA VAL A 86 -16.37 -10.04 7.60
C VAL A 86 -15.93 -8.70 7.02
N GLU A 87 -15.05 -8.01 7.74
CA GLU A 87 -14.55 -6.73 7.25
C GLU A 87 -13.27 -6.96 6.47
N ARG A 88 -13.26 -6.52 5.22
CA ARG A 88 -12.10 -6.69 4.36
C ARG A 88 -11.09 -5.56 4.50
N PHE A 89 -9.81 -5.91 4.37
CA PHE A 89 -8.75 -4.91 4.39
C PHE A 89 -7.54 -5.45 3.67
N VAL A 90 -6.66 -4.56 3.23
CA VAL A 90 -5.46 -4.98 2.52
C VAL A 90 -4.28 -4.32 3.21
N SER A 91 -3.28 -5.11 3.58
CA SER A 91 -2.11 -4.57 4.25
C SER A 91 -1.32 -3.73 3.25
N GLU A 92 -0.41 -2.91 3.77
CA GLU A 92 0.41 -2.07 2.91
C GLU A 92 1.36 -2.93 2.08
N ASP A 93 1.49 -4.20 2.47
CA ASP A 93 2.35 -5.14 1.77
C ASP A 93 1.64 -5.59 0.50
N GLY A 94 0.32 -5.35 0.45
CA GLY A 94 -0.48 -5.74 -0.70
C GLY A 94 -1.19 -7.07 -0.53
N ILE A 95 -1.25 -7.55 0.71
CA ILE A 95 -1.89 -8.84 1.00
C ILE A 95 -3.31 -8.69 1.56
N ASP A 96 -4.28 -9.29 0.87
CA ASP A 96 -5.68 -9.22 1.30
C ASP A 96 -5.87 -9.90 2.64
N ASN A 97 -6.78 -9.37 3.44
CA ASN A 97 -7.04 -9.91 4.77
C ASN A 97 -8.45 -9.58 5.23
N VAL A 98 -8.83 -10.12 6.39
CA VAL A 98 -10.15 -9.86 6.94
C VAL A 98 -10.11 -9.92 8.47
N ARG A 99 -11.09 -9.28 9.09
CA ARG A 99 -11.24 -9.32 10.55
C ARG A 99 -12.73 -9.34 10.84
N GLY A 100 -13.09 -9.89 12.00
CA GLY A 100 -14.49 -9.96 12.38
C GLY A 100 -15.13 -8.64 12.73
N ARG A 101 -16.43 -8.56 12.51
CA ARG A 101 -17.22 -7.36 12.82
C ARG A 101 -18.60 -7.90 13.16
N VAL A 102 -18.69 -8.51 14.34
CA VAL A 102 -19.93 -9.14 14.78
C VAL A 102 -19.75 -9.55 16.24
N LEU A 103 -20.85 -9.72 16.98
CA LEU A 103 -20.75 -10.14 18.37
C LEU A 103 -20.16 -11.55 18.35
N GLY A 104 -19.11 -11.75 19.15
CA GLY A 104 -18.43 -13.03 19.16
C GLY A 104 -17.10 -12.79 18.47
N GLY A 105 -17.01 -11.66 17.78
CA GLY A 105 -15.77 -11.32 17.10
C GLY A 105 -15.35 -12.24 15.97
N THR A 106 -14.04 -12.37 15.79
CA THR A 106 -13.49 -13.20 14.74
C THR A 106 -13.71 -14.69 14.99
N SER A 107 -14.05 -15.06 16.23
CA SER A 107 -14.31 -16.46 16.54
C SER A 107 -15.61 -16.90 15.82
N ILE A 108 -16.38 -15.92 15.36
CA ILE A 108 -17.64 -16.18 14.66
C ILE A 108 -17.45 -16.43 13.15
N ILE A 109 -16.28 -16.07 12.62
CA ILE A 109 -16.03 -16.25 11.19
C ILE A 109 -14.80 -17.09 10.87
N ASN A 110 -14.15 -17.63 11.90
CA ASN A 110 -12.92 -18.39 11.65
C ASN A 110 -13.08 -19.84 11.21
N ALA A 111 -11.94 -20.52 11.03
CA ALA A 111 -11.95 -21.91 10.58
C ALA A 111 -12.22 -22.94 11.67
N GLY A 112 -12.56 -22.46 12.87
CA GLY A 112 -12.90 -23.35 13.97
C GLY A 112 -11.84 -24.18 14.66
N VAL A 113 -10.61 -24.14 14.18
CA VAL A 113 -9.57 -24.95 14.81
C VAL A 113 -9.27 -24.48 16.23
N TYR A 114 -9.28 -25.41 17.18
CA TYR A 114 -9.01 -25.09 18.58
C TYR A 114 -7.80 -25.81 19.13
N ALA A 115 -6.90 -25.05 19.75
CA ALA A 115 -5.69 -25.60 20.35
C ALA A 115 -5.34 -24.82 21.60
N ARG A 116 -4.73 -25.49 22.56
CA ARG A 116 -4.26 -24.82 23.77
C ARG A 116 -2.88 -24.29 23.39
N ALA A 117 -2.45 -23.22 24.03
CA ALA A 117 -1.15 -22.66 23.73
C ALA A 117 0.02 -23.58 24.10
N ASN A 118 1.13 -23.38 23.40
CA ASN A 118 2.37 -24.13 23.64
C ASN A 118 2.65 -23.92 25.13
N THR A 119 2.74 -25.00 25.90
CA THR A 119 2.96 -24.86 27.34
C THR A 119 4.29 -24.20 27.72
N SER A 120 5.20 -24.08 26.76
CA SER A 120 6.51 -23.49 27.02
C SER A 120 6.59 -21.97 26.81
N ILE A 121 5.52 -21.37 26.30
CA ILE A 121 5.53 -19.94 26.03
C ILE A 121 5.15 -19.00 27.16
N TYR A 122 4.65 -19.54 28.26
CA TYR A 122 4.25 -18.69 29.37
C TYR A 122 5.39 -18.03 30.13
N SER A 123 6.51 -18.73 30.26
CA SER A 123 7.66 -18.20 30.99
C SER A 123 8.33 -16.96 30.39
N ALA A 124 8.35 -16.85 29.07
CA ALA A 124 8.99 -15.70 28.43
C ALA A 124 7.99 -14.65 27.94
N SER A 125 6.75 -14.74 28.39
CA SER A 125 5.70 -13.83 27.97
C SER A 125 5.72 -12.43 28.59
N GLY A 126 6.28 -12.29 29.79
CA GLY A 126 6.30 -11.00 30.44
C GLY A 126 5.18 -10.95 31.46
N VAL A 127 4.49 -12.08 31.61
CA VAL A 127 3.39 -12.22 32.55
C VAL A 127 3.71 -13.40 33.46
N ASP A 128 3.43 -13.28 34.75
CA ASP A 128 3.66 -14.37 35.69
C ASP A 128 2.32 -15.09 35.78
N TRP A 129 2.21 -16.18 35.04
CA TRP A 129 0.96 -16.94 34.98
C TRP A 129 0.64 -17.90 36.13
N ASP A 130 -0.63 -17.93 36.49
CA ASP A 130 -1.14 -18.84 37.52
C ASP A 130 -1.58 -20.01 36.63
N MET A 131 -0.72 -21.01 36.47
CA MET A 131 -1.05 -22.13 35.61
C MET A 131 -2.26 -22.97 36.01
N ASP A 132 -2.57 -23.02 37.30
CA ASP A 132 -3.75 -23.77 37.72
C ASP A 132 -4.95 -23.03 37.17
N LEU A 133 -4.91 -21.70 37.25
CA LEU A 133 -5.99 -20.88 36.75
C LEU A 133 -6.08 -20.99 35.24
N VAL A 134 -4.92 -20.97 34.58
CA VAL A 134 -4.90 -21.09 33.13
C VAL A 134 -5.63 -22.36 32.67
N ASN A 135 -5.29 -23.50 33.26
CA ASN A 135 -5.95 -24.74 32.86
C ASN A 135 -7.42 -24.80 33.25
N GLN A 136 -7.77 -24.23 34.40
CA GLN A 136 -9.17 -24.21 34.83
C GLN A 136 -9.96 -23.40 33.81
N THR A 137 -9.32 -22.34 33.30
CA THR A 137 -9.97 -21.48 32.33
C THR A 137 -10.13 -22.18 30.98
N TYR A 138 -9.11 -22.92 30.55
CA TYR A 138 -9.22 -23.66 29.30
C TYR A 138 -10.40 -24.63 29.39
N GLU A 139 -10.53 -25.30 30.54
CA GLU A 139 -11.61 -26.26 30.75
C GLU A 139 -12.98 -25.57 30.71
N TRP A 140 -13.04 -24.38 31.31
CA TRP A 140 -14.28 -23.59 31.34
C TRP A 140 -14.73 -23.28 29.91
N VAL A 141 -13.79 -22.92 29.05
CA VAL A 141 -14.09 -22.60 27.65
C VAL A 141 -14.42 -23.88 26.89
N GLU A 142 -13.58 -24.89 27.04
CA GLU A 142 -13.78 -26.16 26.33
C GLU A 142 -15.09 -26.86 26.65
N ASP A 143 -15.50 -26.84 27.91
CA ASP A 143 -16.74 -27.48 28.31
C ASP A 143 -17.96 -26.79 27.69
N THR A 144 -17.76 -25.61 27.12
CA THR A 144 -18.85 -24.85 26.53
C THR A 144 -18.89 -24.82 25.00
N ILE A 145 -17.74 -24.65 24.36
CA ILE A 145 -17.72 -24.54 22.90
C ILE A 145 -16.67 -25.34 22.11
N VAL A 146 -16.01 -26.31 22.73
CA VAL A 146 -15.02 -27.10 22.00
C VAL A 146 -15.45 -28.55 21.90
N TYR A 147 -15.27 -29.14 20.71
CA TYR A 147 -15.70 -30.52 20.48
C TYR A 147 -14.65 -31.42 19.87
N LYS A 148 -14.76 -32.71 20.17
CA LYS A 148 -13.88 -33.71 19.58
C LYS A 148 -14.58 -33.94 18.24
N PRO A 149 -13.88 -33.67 17.12
CA PRO A 149 -14.44 -33.82 15.78
C PRO A 149 -14.70 -35.25 15.31
N ASN A 150 -15.65 -35.37 14.37
CA ASN A 150 -15.95 -36.68 13.80
C ASN A 150 -14.79 -36.96 12.86
N SER A 151 -14.63 -38.22 12.47
CA SER A 151 -13.57 -38.55 11.51
C SER A 151 -14.05 -38.01 10.17
N GLN A 152 -13.10 -37.59 9.34
CA GLN A 152 -13.39 -37.07 8.02
C GLN A 152 -12.35 -37.68 7.09
N SER A 153 -12.82 -38.24 5.98
CA SER A 153 -11.93 -38.89 5.03
C SER A 153 -10.71 -38.07 4.63
N TRP A 154 -10.91 -36.85 4.13
CA TRP A 154 -9.76 -36.07 3.71
C TRP A 154 -8.80 -35.72 4.84
N GLN A 155 -9.33 -35.47 6.04
CA GLN A 155 -8.45 -35.16 7.16
C GLN A 155 -7.63 -36.40 7.52
N SER A 156 -8.25 -37.58 7.39
CA SER A 156 -7.55 -38.82 7.69
C SER A 156 -6.45 -39.06 6.65
N VAL A 157 -6.73 -38.71 5.40
CA VAL A 157 -5.73 -38.87 4.35
C VAL A 157 -4.55 -37.96 4.67
N THR A 158 -4.85 -36.74 5.11
CA THR A 158 -3.83 -35.76 5.47
C THR A 158 -2.99 -36.29 6.61
N LYS A 159 -3.65 -36.91 7.59
CA LYS A 159 -2.94 -37.47 8.73
C LYS A 159 -1.95 -38.53 8.26
N THR A 160 -2.36 -39.39 7.33
CA THR A 160 -1.44 -40.41 6.84
C THR A 160 -0.25 -39.80 6.12
N ALA A 161 -0.48 -38.69 5.40
CA ALA A 161 0.60 -38.03 4.68
C ALA A 161 1.59 -37.41 5.66
N PHE A 162 1.08 -36.75 6.70
CA PHE A 162 1.94 -36.14 7.71
C PHE A 162 2.82 -37.19 8.37
N LEU A 163 2.22 -38.32 8.74
CA LEU A 163 2.99 -39.39 9.39
C LEU A 163 3.99 -40.02 8.43
N GLU A 164 3.64 -40.14 7.16
CA GLU A 164 4.54 -40.72 6.19
C GLU A 164 5.71 -39.76 5.94
N ALA A 165 5.42 -38.45 6.05
CA ALA A 165 6.42 -37.42 5.84
C ALA A 165 7.28 -37.08 7.06
N GLY A 166 7.18 -37.91 8.11
CA GLY A 166 8.01 -37.68 9.29
C GLY A 166 7.62 -36.64 10.31
N VAL A 167 6.37 -36.19 10.29
CA VAL A 167 5.92 -35.22 11.27
C VAL A 167 5.49 -36.07 12.47
N HIS A 168 6.47 -36.40 13.31
CA HIS A 168 6.30 -37.26 14.47
C HIS A 168 6.49 -36.56 15.79
N PRO A 169 5.95 -37.13 16.88
CA PRO A 169 5.18 -38.38 16.90
C PRO A 169 3.70 -38.17 16.61
N ASN A 170 2.92 -39.23 16.75
CA ASN A 170 1.48 -39.16 16.55
C ASN A 170 0.88 -39.00 17.95
N HIS A 171 0.08 -37.96 18.14
CA HIS A 171 -0.54 -37.70 19.44
C HIS A 171 -1.99 -38.15 19.55
N GLY A 172 -2.53 -38.74 18.49
CA GLY A 172 -3.91 -39.17 18.50
C GLY A 172 -4.77 -37.93 18.60
N PHE A 173 -5.79 -37.95 19.46
CA PHE A 173 -6.62 -36.76 19.65
C PHE A 173 -6.08 -36.01 20.85
N SER A 174 -5.71 -34.74 20.64
CA SER A 174 -5.17 -33.92 21.71
C SER A 174 -5.34 -32.44 21.40
N LEU A 175 -5.63 -31.65 22.43
CA LEU A 175 -5.81 -30.21 22.26
C LEU A 175 -4.51 -29.42 22.35
N ASP A 176 -3.47 -30.05 22.88
CA ASP A 176 -2.19 -29.38 23.06
C ASP A 176 -1.28 -29.17 21.87
N HIS A 177 -0.71 -27.97 21.78
CA HIS A 177 0.20 -27.62 20.71
C HIS A 177 1.54 -28.29 21.00
N GLU A 178 1.81 -29.40 20.32
CA GLU A 178 3.06 -30.13 20.50
C GLU A 178 3.59 -30.56 19.14
N GLU A 179 4.90 -30.69 19.04
CA GLU A 179 5.53 -31.11 17.79
C GLU A 179 4.97 -32.50 17.43
N GLY A 180 4.63 -32.68 16.15
CA GLY A 180 4.10 -33.96 15.71
C GLY A 180 2.74 -33.80 15.06
N THR A 181 2.08 -34.91 14.80
CA THR A 181 0.78 -34.90 14.17
C THR A 181 -0.32 -35.29 15.15
N ARG A 182 -1.48 -34.65 15.04
CA ARG A 182 -2.58 -34.95 15.93
C ARG A 182 -3.90 -34.44 15.36
N ILE A 183 -5.00 -34.87 15.95
CA ILE A 183 -6.32 -34.40 15.59
C ILE A 183 -6.61 -33.51 16.78
N THR A 184 -6.96 -32.25 16.54
CA THR A 184 -7.22 -31.33 17.64
C THR A 184 -8.72 -31.04 17.76
N GLY A 185 -9.10 -30.17 18.68
CA GLY A 185 -10.50 -29.85 18.86
C GLY A 185 -10.97 -28.80 17.87
N SER A 186 -12.29 -28.59 17.82
CA SER A 186 -12.87 -27.61 16.91
C SER A 186 -14.04 -26.91 17.58
N THR A 187 -14.32 -25.67 17.18
CA THR A 187 -15.45 -24.96 17.74
C THR A 187 -16.70 -25.24 16.91
N PHE A 188 -16.56 -26.12 15.93
CA PHE A 188 -17.69 -26.58 15.13
C PHE A 188 -18.04 -27.91 15.78
N ASP A 189 -19.31 -28.16 16.06
CA ASP A 189 -19.67 -29.44 16.66
C ASP A 189 -19.89 -30.50 15.59
N ASN A 190 -20.22 -31.70 16.03
CA ASN A 190 -20.42 -32.84 15.14
C ASN A 190 -21.54 -32.75 14.11
N LYS A 191 -22.39 -31.73 14.22
CA LYS A 191 -23.45 -31.55 13.25
C LYS A 191 -23.11 -30.37 12.33
N GLY A 192 -21.94 -29.80 12.55
CA GLY A 192 -21.51 -28.67 11.74
C GLY A 192 -21.95 -27.32 12.29
N THR A 193 -22.55 -27.32 13.47
CA THR A 193 -23.00 -26.07 14.08
C THR A 193 -21.80 -25.34 14.65
N ARG A 194 -21.68 -24.04 14.36
CA ARG A 194 -20.57 -23.30 14.90
C ARG A 194 -20.88 -22.77 16.29
N HIS A 195 -19.92 -22.90 17.18
CA HIS A 195 -20.04 -22.39 18.53
C HIS A 195 -18.92 -21.37 18.60
N ALA A 196 -19.13 -20.29 19.35
CA ALA A 196 -18.14 -19.24 19.41
C ALA A 196 -18.11 -18.48 20.72
N ALA A 197 -17.28 -17.45 20.78
CA ALA A 197 -17.12 -16.65 21.99
C ALA A 197 -18.42 -16.03 22.50
N ASP A 198 -19.35 -15.73 21.60
CA ASP A 198 -20.60 -15.12 22.04
C ASP A 198 -21.33 -16.04 23.02
N GLU A 199 -21.20 -17.34 22.86
CA GLU A 199 -21.87 -18.27 23.77
C GLU A 199 -21.29 -18.24 25.17
N LEU A 200 -20.07 -17.74 25.32
CA LEU A 200 -19.47 -17.66 26.64
C LEU A 200 -20.19 -16.58 27.45
N LEU A 201 -20.95 -15.74 26.78
CA LEU A 201 -21.71 -14.70 27.47
C LEU A 201 -22.78 -15.35 28.34
N ASN A 202 -23.18 -16.56 27.96
CA ASN A 202 -24.21 -17.29 28.72
C ASN A 202 -23.70 -17.73 30.08
N LYS A 203 -22.39 -17.68 30.27
CA LYS A 203 -21.76 -18.07 31.53
C LYS A 203 -21.77 -16.89 32.50
N GLY A 204 -22.19 -15.73 32.02
CA GLY A 204 -22.23 -14.56 32.87
C GLY A 204 -23.52 -14.48 33.64
N ASN A 205 -23.69 -13.42 34.42
CA ASN A 205 -24.90 -13.23 35.21
C ASN A 205 -25.86 -12.36 34.41
N SER A 206 -27.00 -12.92 34.06
CA SER A 206 -28.02 -12.22 33.26
C SER A 206 -28.55 -10.94 33.88
N ASN A 207 -28.32 -10.74 35.17
CA ASN A 207 -28.80 -9.54 35.83
C ASN A 207 -27.71 -8.47 35.95
N ASN A 208 -26.46 -8.84 35.68
CA ASN A 208 -25.36 -7.89 35.77
C ASN A 208 -24.69 -7.56 34.44
N LEU A 209 -24.97 -8.37 33.42
CA LEU A 209 -24.35 -8.18 32.11
C LEU A 209 -25.29 -7.61 31.06
N ARG A 210 -24.81 -6.59 30.36
CA ARG A 210 -25.59 -5.96 29.31
C ARG A 210 -24.68 -5.85 28.08
N VAL A 211 -25.23 -6.24 26.94
CA VAL A 211 -24.50 -6.22 25.68
C VAL A 211 -25.12 -5.26 24.69
N GLY A 212 -24.29 -4.39 24.13
CA GLY A 212 -24.78 -3.44 23.15
C GLY A 212 -24.18 -3.75 21.79
N VAL A 213 -25.04 -3.95 20.79
CA VAL A 213 -24.56 -4.23 19.44
C VAL A 213 -24.78 -2.98 18.58
N HIS A 214 -24.11 -2.93 17.44
CA HIS A 214 -24.20 -1.76 16.56
C HIS A 214 -23.78 -0.54 17.37
N ALA A 215 -22.77 -0.76 18.23
CA ALA A 215 -22.23 0.29 19.08
C ALA A 215 -20.77 0.54 18.69
N SER A 216 -20.55 1.67 18.02
CA SER A 216 -19.22 2.03 17.57
C SER A 216 -18.50 2.90 18.61
N VAL A 217 -17.56 2.31 19.34
CA VAL A 217 -16.83 3.06 20.35
C VAL A 217 -15.80 3.92 19.64
N GLU A 218 -15.92 5.24 19.81
CA GLU A 218 -15.03 6.18 19.14
C GLU A 218 -13.93 6.78 19.99
N LYS A 219 -14.13 6.81 21.30
CA LYS A 219 -13.11 7.40 22.16
C LYS A 219 -13.20 7.01 23.62
N ILE A 220 -12.04 6.93 24.26
CA ILE A 220 -11.95 6.63 25.68
C ILE A 220 -11.83 8.01 26.32
N ILE A 221 -12.60 8.24 27.38
CA ILE A 221 -12.59 9.52 28.08
C ILE A 221 -11.66 9.43 29.29
N PHE A 222 -10.86 10.47 29.50
CA PHE A 222 -9.92 10.48 30.62
C PHE A 222 -10.06 11.68 31.55
N SER A 223 -9.53 11.52 32.76
CA SER A 223 -9.54 12.59 33.76
C SER A 223 -8.34 13.49 33.44
N ASN A 224 -8.29 14.64 34.12
CA ASN A 224 -7.20 15.59 33.93
C ASN A 224 -5.89 15.05 34.49
N ALA A 225 -4.77 15.50 33.94
CA ALA A 225 -3.46 15.07 34.43
C ALA A 225 -3.15 15.95 35.64
N PRO A 226 -2.31 15.46 36.57
CA PRO A 226 -1.64 14.16 36.56
C PRO A 226 -2.56 13.07 37.09
N GLY A 227 -2.03 11.86 37.25
CA GLY A 227 -2.85 10.78 37.74
C GLY A 227 -3.99 10.49 36.79
N LEU A 228 -3.65 10.33 35.52
CA LEU A 228 -4.63 10.05 34.47
C LEU A 228 -5.43 8.80 34.76
N THR A 229 -6.73 8.86 34.53
CA THR A 229 -7.62 7.73 34.76
C THR A 229 -8.70 7.69 33.69
N ALA A 230 -8.97 6.50 33.17
CA ALA A 230 -10.03 6.36 32.17
C ALA A 230 -11.34 6.45 32.95
N THR A 231 -12.27 7.25 32.47
CA THR A 231 -13.54 7.42 33.16
C THR A 231 -14.73 6.81 32.42
N GLY A 232 -14.52 6.50 31.15
CA GLY A 232 -15.58 5.90 30.35
C GLY A 232 -15.26 5.97 28.87
N VAL A 233 -16.28 5.77 28.05
CA VAL A 233 -16.12 5.80 26.60
C VAL A 233 -17.30 6.48 25.93
N ILE A 234 -17.09 6.92 24.71
CA ILE A 234 -18.15 7.53 23.91
C ILE A 234 -18.38 6.57 22.75
N TYR A 235 -19.63 6.18 22.54
CA TYR A 235 -19.95 5.29 21.43
C TYR A 235 -21.11 5.87 20.65
N ARG A 236 -21.22 5.49 19.38
CA ARG A 236 -22.28 6.01 18.52
C ARG A 236 -23.16 4.89 17.98
N ASP A 237 -24.46 5.14 17.93
CA ASP A 237 -25.40 4.14 17.43
C ASP A 237 -25.69 4.33 15.94
N SER A 238 -26.52 3.46 15.38
CA SER A 238 -26.87 3.51 13.97
C SER A 238 -27.55 4.80 13.53
N ASN A 239 -28.12 5.55 14.48
CA ASN A 239 -28.78 6.80 14.13
C ASN A 239 -27.78 7.96 14.18
N GLY A 240 -26.52 7.64 14.46
CA GLY A 240 -25.49 8.66 14.53
C GLY A 240 -25.49 9.39 15.86
N THR A 241 -26.32 8.92 16.78
CA THR A 241 -26.43 9.53 18.10
C THR A 241 -25.33 9.02 19.03
N PRO A 242 -24.60 9.94 19.69
CA PRO A 242 -23.53 9.54 20.60
C PRO A 242 -24.02 9.25 22.01
N HIS A 243 -23.48 8.21 22.62
CA HIS A 243 -23.85 7.84 23.99
C HIS A 243 -22.57 7.78 24.81
N GLN A 244 -22.70 7.82 26.12
CA GLN A 244 -21.55 7.74 27.00
C GLN A 244 -21.79 6.67 28.06
N ALA A 245 -20.76 5.91 28.37
CA ALA A 245 -20.83 4.88 29.39
C ALA A 245 -19.66 5.14 30.31
N PHE A 246 -19.94 5.36 31.59
CA PHE A 246 -18.89 5.64 32.56
C PHE A 246 -18.69 4.50 33.54
N VAL A 247 -17.50 4.45 34.13
CA VAL A 247 -17.16 3.41 35.11
C VAL A 247 -17.12 4.01 36.52
N ARG A 248 -17.63 3.27 37.49
CA ARG A 248 -17.66 3.72 38.87
C ARG A 248 -16.34 3.46 39.59
N SER A 249 -16.27 3.88 40.85
CA SER A 249 -15.09 3.71 41.67
C SER A 249 -14.52 2.30 41.61
N LYS A 250 -13.21 2.21 41.41
CA LYS A 250 -12.48 0.94 41.33
C LYS A 250 -12.80 0.16 40.05
N GLY A 251 -13.70 0.68 39.24
CA GLY A 251 -14.08 0.02 38.00
C GLY A 251 -13.07 0.32 36.90
N GLU A 252 -13.19 -0.35 35.76
CA GLU A 252 -12.25 -0.12 34.69
C GLU A 252 -12.83 -0.25 33.28
N VAL A 253 -12.15 0.40 32.34
CA VAL A 253 -12.52 0.33 30.94
C VAL A 253 -11.50 -0.67 30.39
N ILE A 254 -11.98 -1.70 29.70
CA ILE A 254 -11.07 -2.67 29.13
C ILE A 254 -11.30 -2.71 27.63
N VAL A 255 -10.22 -2.56 26.88
CA VAL A 255 -10.29 -2.58 25.42
C VAL A 255 -9.95 -3.97 24.93
N SER A 256 -10.89 -4.56 24.19
CA SER A 256 -10.73 -5.90 23.62
C SER A 256 -11.19 -5.79 22.17
N ALA A 257 -10.79 -4.70 21.52
CA ALA A 257 -11.17 -4.42 20.15
C ALA A 257 -10.31 -5.11 19.09
N GLY A 258 -9.41 -5.98 19.53
CA GLY A 258 -8.57 -6.70 18.59
C GLY A 258 -7.27 -6.03 18.19
N THR A 259 -6.44 -6.80 17.50
CA THR A 259 -5.14 -6.35 17.02
C THR A 259 -5.27 -5.05 16.22
N ILE A 260 -6.33 -4.94 15.43
CA ILE A 260 -6.53 -3.75 14.62
C ILE A 260 -7.30 -2.66 15.37
N GLY A 261 -8.39 -3.05 16.01
CA GLY A 261 -9.23 -2.11 16.72
C GLY A 261 -8.69 -1.45 17.97
N THR A 262 -7.92 -2.19 18.77
CA THR A 262 -7.40 -1.62 20.00
C THR A 262 -6.39 -0.49 19.80
N PRO A 263 -5.33 -0.70 19.00
CA PRO A 263 -4.38 0.40 18.81
C PRO A 263 -5.08 1.60 18.18
N GLN A 264 -5.99 1.33 17.27
CA GLN A 264 -6.73 2.41 16.60
C GLN A 264 -7.48 3.27 17.61
N LEU A 265 -8.23 2.63 18.51
CA LEU A 265 -8.98 3.36 19.52
C LEU A 265 -8.07 4.14 20.46
N LEU A 266 -6.96 3.53 20.85
CA LEU A 266 -6.02 4.21 21.75
C LEU A 266 -5.47 5.47 21.09
N LEU A 267 -5.06 5.36 19.82
CA LEU A 267 -4.53 6.51 19.12
C LEU A 267 -5.58 7.62 18.99
N LEU A 268 -6.79 7.25 18.60
CA LEU A 268 -7.87 8.23 18.45
C LEU A 268 -8.20 8.90 19.78
N SER A 269 -7.89 8.22 20.88
CA SER A 269 -8.16 8.74 22.21
C SER A 269 -7.00 9.55 22.80
N GLY A 270 -5.94 9.72 22.02
CA GLY A 270 -4.81 10.50 22.51
C GLY A 270 -3.73 9.73 23.24
N VAL A 271 -3.75 8.41 23.13
CA VAL A 271 -2.73 7.58 23.78
C VAL A 271 -1.86 6.96 22.69
N GLY A 272 -0.68 7.54 22.49
CA GLY A 272 0.22 7.05 21.47
C GLY A 272 1.44 7.95 21.32
N PRO A 273 2.25 7.77 20.28
CA PRO A 273 3.44 8.59 20.05
C PRO A 273 3.10 10.08 20.01
N GLU A 274 3.75 10.86 20.84
CA GLU A 274 3.49 12.30 20.93
C GLU A 274 3.57 13.03 19.58
N SER A 275 4.67 12.88 18.86
CA SER A 275 4.81 13.58 17.60
C SER A 275 3.82 13.11 16.54
N TYR A 276 3.47 11.83 16.56
CA TYR A 276 2.52 11.32 15.59
C TYR A 276 1.14 11.93 15.85
N LEU A 277 0.68 11.86 17.09
CA LEU A 277 -0.63 12.41 17.44
C LEU A 277 -0.70 13.91 17.18
N SER A 278 0.35 14.62 17.55
CA SER A 278 0.36 16.07 17.34
C SER A 278 0.34 16.41 15.85
N SER A 279 0.97 15.58 15.02
CA SER A 279 0.99 15.85 13.59
C SER A 279 -0.42 15.80 13.01
N LEU A 280 -1.31 15.07 13.68
CA LEU A 280 -2.69 14.93 13.24
C LEU A 280 -3.65 15.78 14.05
N ASN A 281 -3.09 16.59 14.96
CA ASN A 281 -3.86 17.47 15.81
C ASN A 281 -4.76 16.72 16.79
N ILE A 282 -4.34 15.52 17.17
CA ILE A 282 -5.08 14.74 18.14
C ILE A 282 -4.46 15.07 19.50
N PRO A 283 -5.24 15.60 20.44
CA PRO A 283 -4.68 15.94 21.75
C PRO A 283 -3.99 14.75 22.39
N VAL A 284 -2.80 15.00 22.95
CA VAL A 284 -2.05 13.92 23.59
C VAL A 284 -2.43 13.79 25.06
N VAL A 285 -2.98 12.63 25.42
CA VAL A 285 -3.35 12.37 26.80
C VAL A 285 -2.09 11.91 27.50
N LEU A 286 -1.39 10.99 26.86
CA LEU A 286 -0.13 10.48 27.39
C LEU A 286 0.70 9.93 26.25
N SER A 287 1.95 10.38 26.15
CA SER A 287 2.83 9.90 25.10
C SER A 287 3.14 8.44 25.38
N HIS A 288 2.77 7.59 24.43
CA HIS A 288 2.97 6.15 24.52
C HIS A 288 3.56 5.73 23.18
N PRO A 289 4.89 5.72 23.08
CA PRO A 289 5.62 5.36 21.86
C PRO A 289 5.29 4.06 21.14
N TYR A 290 4.86 3.04 21.85
CA TYR A 290 4.62 1.77 21.20
C TYR A 290 3.19 1.37 20.84
N VAL A 291 2.24 2.29 20.97
CA VAL A 291 0.86 1.97 20.60
C VAL A 291 0.85 1.86 19.07
N GLY A 292 0.41 0.72 18.57
CA GLY A 292 0.37 0.51 17.13
C GLY A 292 1.68 -0.03 16.58
N GLN A 293 2.66 -0.26 17.45
CA GLN A 293 3.94 -0.79 17.00
C GLN A 293 3.99 -2.30 17.26
N PHE A 294 4.89 -2.98 16.55
CA PHE A 294 5.05 -4.42 16.69
C PHE A 294 3.82 -5.21 16.31
N LEU A 295 3.33 -4.97 15.09
CA LEU A 295 2.19 -5.71 14.55
C LEU A 295 2.78 -6.87 13.79
N HIS A 296 2.37 -8.09 14.13
CA HIS A 296 2.89 -9.30 13.49
C HIS A 296 1.81 -10.08 12.75
N ASP A 297 2.14 -10.63 11.59
CA ASP A 297 1.20 -11.48 10.88
C ASP A 297 1.95 -12.66 10.31
N ASN A 298 1.70 -13.85 10.85
CA ASN A 298 2.37 -15.06 10.39
C ASN A 298 2.03 -15.30 8.92
N PRO A 299 3.05 -15.49 8.09
CA PRO A 299 2.76 -15.73 6.67
C PRO A 299 2.20 -17.12 6.42
N ARG A 300 1.35 -17.21 5.42
CA ARG A 300 0.77 -18.50 5.02
C ARG A 300 1.24 -18.78 3.61
N ASN A 301 1.84 -19.94 3.41
CA ASN A 301 2.24 -20.34 2.08
C ASN A 301 1.52 -21.64 1.84
N PHE A 302 1.22 -21.95 0.59
CA PHE A 302 0.41 -23.13 0.33
C PHE A 302 0.52 -23.70 -1.06
N ILE A 303 -0.17 -24.83 -1.24
CA ILE A 303 -0.25 -25.53 -2.51
C ILE A 303 -1.68 -26.04 -2.62
N ASN A 304 -2.33 -25.72 -3.73
CA ASN A 304 -3.70 -26.15 -3.99
C ASN A 304 -3.66 -27.27 -5.02
N ILE A 305 -4.21 -28.43 -4.69
CA ILE A 305 -4.25 -29.52 -5.65
C ILE A 305 -5.69 -29.79 -6.06
N LEU A 306 -5.86 -30.14 -7.34
CA LEU A 306 -7.17 -30.44 -7.91
C LEU A 306 -7.18 -31.92 -8.27
N PRO A 307 -7.62 -32.77 -7.34
CA PRO A 307 -7.68 -34.23 -7.55
C PRO A 307 -8.53 -34.63 -8.75
N PRO A 308 -8.06 -35.62 -9.53
CA PRO A 308 -8.81 -36.09 -10.70
C PRO A 308 -10.11 -36.73 -10.24
N ASN A 309 -10.07 -37.34 -9.07
CA ASN A 309 -11.26 -37.95 -8.48
C ASN A 309 -11.66 -37.09 -7.29
N PRO A 310 -12.87 -36.54 -7.32
CA PRO A 310 -13.45 -35.67 -6.30
C PRO A 310 -13.22 -36.06 -4.84
N ILE A 311 -12.96 -35.06 -4.01
CA ILE A 311 -12.78 -35.27 -2.59
C ILE A 311 -13.88 -34.45 -1.91
N GLU A 312 -14.25 -34.83 -0.70
CA GLU A 312 -15.31 -34.12 0.01
C GLU A 312 -14.81 -32.98 0.89
N PRO A 313 -15.65 -31.95 1.08
CA PRO A 313 -15.28 -30.79 1.90
C PRO A 313 -15.12 -31.20 3.37
N THR A 314 -14.15 -30.60 4.04
CA THR A 314 -13.91 -30.93 5.44
C THR A 314 -13.53 -29.71 6.26
N ILE A 315 -13.66 -29.82 7.57
CA ILE A 315 -13.23 -28.74 8.45
C ILE A 315 -11.86 -29.22 8.92
N VAL A 316 -10.93 -28.28 9.11
CA VAL A 316 -9.58 -28.65 9.53
C VAL A 316 -9.57 -29.23 10.94
N THR A 317 -8.96 -30.41 11.10
CA THR A 317 -8.86 -31.02 12.41
C THR A 317 -7.49 -31.63 12.61
N VAL A 318 -6.85 -32.02 11.52
CA VAL A 318 -5.52 -32.64 11.59
C VAL A 318 -4.41 -31.60 11.43
N LEU A 319 -3.53 -31.53 12.42
CA LEU A 319 -2.42 -30.59 12.40
C LEU A 319 -1.07 -31.29 12.39
N GLY A 320 -0.15 -30.78 11.56
CA GLY A 320 1.20 -31.33 11.47
C GLY A 320 2.07 -30.21 12.00
N ILE A 321 2.50 -30.36 13.26
CA ILE A 321 3.29 -29.34 13.91
C ILE A 321 4.79 -29.58 13.97
N SER A 322 5.53 -28.60 13.46
CA SER A 322 6.98 -28.64 13.50
C SER A 322 7.35 -27.45 14.37
N ASN A 323 8.59 -27.38 14.84
CA ASN A 323 8.99 -26.27 15.69
C ASN A 323 8.96 -24.91 15.00
N ASP A 324 9.29 -24.90 13.71
CA ASP A 324 9.35 -23.63 12.98
C ASP A 324 8.19 -23.30 12.06
N PHE A 325 7.29 -24.26 11.85
CA PHE A 325 6.13 -24.03 10.99
C PHE A 325 5.03 -25.02 11.37
N TYR A 326 3.79 -24.60 11.15
CA TYR A 326 2.61 -25.41 11.49
C TYR A 326 1.81 -25.66 10.22
N GLN A 327 1.36 -26.90 10.01
CA GLN A 327 0.64 -27.22 8.78
C GLN A 327 -0.67 -27.96 8.93
N CYS A 328 -1.48 -27.87 7.88
CA CYS A 328 -2.79 -28.52 7.86
C CYS A 328 -3.31 -28.50 6.43
N SER A 329 -4.43 -29.17 6.21
CA SER A 329 -5.04 -29.21 4.89
C SER A 329 -6.54 -28.98 4.98
N PHE A 330 -7.05 -28.21 4.05
CA PHE A 330 -8.45 -27.85 3.98
C PHE A 330 -8.99 -28.31 2.63
N SER A 331 -10.10 -29.03 2.63
CA SER A 331 -10.70 -29.48 1.37
C SER A 331 -12.02 -28.72 1.21
N SER A 332 -12.30 -28.26 0.00
CA SER A 332 -13.50 -27.48 -0.23
C SER A 332 -14.14 -27.67 -1.60
N LEU A 333 -15.36 -27.19 -1.73
CA LEU A 333 -16.11 -27.26 -2.98
C LEU A 333 -15.62 -26.15 -3.92
N PRO A 334 -15.93 -26.25 -5.21
CA PRO A 334 -15.51 -25.25 -6.20
C PRO A 334 -16.36 -23.98 -6.06
N PHE A 335 -15.90 -22.89 -6.67
CA PHE A 335 -16.64 -21.62 -6.61
C PHE A 335 -16.19 -20.63 -7.67
N THR A 336 -17.07 -19.70 -8.02
CA THR A 336 -16.76 -18.67 -9.00
C THR A 336 -16.52 -17.33 -8.32
N THR A 337 -17.01 -17.21 -7.08
CA THR A 337 -16.81 -15.99 -6.31
C THR A 337 -15.70 -16.30 -5.31
N PRO A 338 -14.60 -15.55 -5.37
CA PRO A 338 -13.49 -15.81 -4.45
C PRO A 338 -13.73 -15.36 -3.01
N PRO A 339 -13.31 -16.18 -2.04
CA PRO A 339 -13.48 -15.82 -0.63
C PRO A 339 -12.35 -14.84 -0.34
N PHE A 340 -12.69 -13.59 -0.04
CA PHE A 340 -11.67 -12.58 0.21
C PHE A 340 -10.70 -12.97 1.31
N GLY A 341 -9.41 -12.84 1.01
CA GLY A 341 -8.37 -13.16 1.98
C GLY A 341 -7.82 -14.57 1.88
N PHE A 342 -8.56 -15.48 1.22
CA PHE A 342 -8.10 -16.85 1.07
C PHE A 342 -6.86 -16.87 0.19
N PHE A 343 -6.94 -16.16 -0.93
CA PHE A 343 -5.82 -16.03 -1.84
C PHE A 343 -5.37 -14.58 -1.59
N PRO A 344 -4.07 -14.30 -1.71
CA PRO A 344 -3.53 -12.95 -1.48
C PRO A 344 -4.06 -11.77 -2.28
N SER A 345 -4.60 -12.03 -3.47
CA SER A 345 -5.13 -10.96 -4.30
C SER A 345 -6.35 -11.42 -5.09
N SER A 346 -7.08 -10.46 -5.65
CA SER A 346 -8.27 -10.77 -6.43
C SER A 346 -7.96 -11.38 -7.80
N SER A 347 -6.69 -11.29 -8.21
CA SER A 347 -6.28 -11.85 -9.49
C SER A 347 -5.70 -13.25 -9.31
N TYR A 348 -6.57 -14.19 -8.94
CA TYR A 348 -6.16 -15.57 -8.71
C TYR A 348 -7.15 -16.50 -9.41
N PRO A 349 -6.68 -17.63 -9.96
CA PRO A 349 -7.55 -18.58 -10.65
C PRO A 349 -8.59 -19.23 -9.74
N LEU A 350 -9.79 -19.45 -10.27
CA LEU A 350 -10.88 -20.05 -9.50
C LEU A 350 -10.99 -21.56 -9.72
N PRO A 351 -11.36 -22.31 -8.68
CA PRO A 351 -11.49 -23.77 -8.80
C PRO A 351 -12.89 -24.17 -9.27
N ASN A 352 -12.98 -24.96 -10.34
CA ASN A 352 -14.27 -25.41 -10.85
C ASN A 352 -14.55 -26.85 -10.45
N SER A 353 -13.70 -27.38 -9.57
CA SER A 353 -13.84 -28.73 -9.05
C SER A 353 -13.38 -28.70 -7.60
N THR A 354 -13.60 -29.79 -6.88
CA THR A 354 -13.18 -29.85 -5.48
C THR A 354 -11.65 -29.75 -5.43
N PHE A 355 -11.13 -29.19 -4.34
CA PHE A 355 -9.68 -29.05 -4.23
C PHE A 355 -9.23 -29.15 -2.78
N ALA A 356 -7.93 -29.34 -2.59
CA ALA A 356 -7.34 -29.43 -1.26
C ALA A 356 -6.31 -28.32 -1.14
N HIS A 357 -6.36 -27.62 -0.01
CA HIS A 357 -5.47 -26.50 0.27
C HIS A 357 -4.47 -26.94 1.35
N PHE A 358 -3.21 -27.14 0.97
CA PHE A 358 -2.18 -27.52 1.94
C PHE A 358 -1.51 -26.23 2.39
N ALA A 359 -1.73 -25.86 3.64
CA ALA A 359 -1.18 -24.62 4.17
C ALA A 359 -0.07 -24.78 5.19
N SER A 360 0.84 -23.81 5.20
CA SER A 360 1.96 -23.82 6.12
C SER A 360 2.12 -22.45 6.74
N LYS A 361 2.07 -22.40 8.07
CA LYS A 361 2.20 -21.16 8.83
C LYS A 361 3.58 -21.08 9.48
N VAL A 362 4.29 -19.98 9.25
CA VAL A 362 5.61 -19.81 9.85
C VAL A 362 5.42 -19.41 11.31
N ALA A 363 6.20 -19.99 12.21
CA ALA A 363 6.12 -19.69 13.63
C ALA A 363 6.54 -18.25 13.91
N GLY A 364 6.06 -17.69 15.02
CA GLY A 364 6.43 -16.33 15.37
C GLY A 364 5.35 -15.33 15.01
N PRO A 365 5.55 -14.50 13.98
CA PRO A 365 6.76 -14.43 13.14
C PRO A 365 7.74 -13.43 13.74
N LEU A 366 8.98 -13.47 13.29
CA LEU A 366 9.99 -12.54 13.79
C LEU A 366 9.79 -11.17 13.17
N SER A 367 9.30 -11.15 11.93
CA SER A 367 9.05 -9.92 11.20
C SER A 367 7.85 -9.18 11.76
N TYR A 368 7.87 -7.86 11.71
CA TYR A 368 6.76 -7.06 12.20
C TYR A 368 6.68 -5.70 11.52
N GLY A 369 5.51 -5.08 11.64
CA GLY A 369 5.29 -3.77 11.05
C GLY A 369 4.55 -2.89 12.04
N SER A 370 3.78 -1.94 11.55
CA SER A 370 3.04 -1.05 12.43
C SER A 370 1.67 -0.68 11.90
N LEU A 371 0.88 -0.09 12.78
CA LEU A 371 -0.48 0.34 12.45
C LEU A 371 -0.55 1.86 12.58
N THR A 372 -1.16 2.50 11.59
CA THR A 372 -1.35 3.95 11.60
C THR A 372 -2.78 4.28 11.18
N LEU A 373 -3.26 5.44 11.60
CA LEU A 373 -4.63 5.84 11.27
C LEU A 373 -4.78 6.28 9.82
N LYS A 374 -5.91 5.95 9.22
CA LYS A 374 -6.19 6.37 7.85
C LYS A 374 -7.04 7.63 7.99
N SER A 375 -7.84 7.67 9.06
CA SER A 375 -8.69 8.81 9.38
C SER A 375 -8.34 9.25 10.80
N SER A 376 -8.12 10.54 10.99
CA SER A 376 -7.76 11.04 12.31
C SER A 376 -8.97 11.20 13.24
N SER A 377 -10.17 10.97 12.70
CA SER A 377 -11.38 11.14 13.51
C SER A 377 -12.47 10.07 13.38
N ASN A 378 -12.45 9.29 12.30
CA ASN A 378 -13.48 8.29 12.09
C ASN A 378 -12.99 6.88 12.39
N VAL A 379 -13.50 6.32 13.48
CA VAL A 379 -13.13 4.97 13.90
C VAL A 379 -13.65 3.90 12.93
N ARG A 380 -14.62 4.28 12.09
CA ARG A 380 -15.18 3.34 11.12
C ARG A 380 -14.30 3.16 9.88
N VAL A 381 -13.26 3.98 9.77
CA VAL A 381 -12.35 3.87 8.64
C VAL A 381 -11.19 2.97 9.06
N SER A 382 -11.00 1.87 8.35
CA SER A 382 -9.94 0.93 8.70
C SER A 382 -8.56 1.58 8.75
N PRO A 383 -7.75 1.20 9.75
CA PRO A 383 -6.40 1.76 9.87
C PRO A 383 -5.48 1.16 8.82
N ASN A 384 -4.35 1.82 8.59
CA ASN A 384 -3.37 1.28 7.65
C ASN A 384 -2.52 0.33 8.47
N VAL A 385 -2.18 -0.82 7.90
CA VAL A 385 -1.35 -1.78 8.59
C VAL A 385 -0.34 -2.38 7.62
N LYS A 386 0.89 -2.56 8.10
CA LYS A 386 1.94 -3.17 7.29
C LYS A 386 2.59 -4.23 8.17
N PHE A 387 2.79 -5.43 7.62
CA PHE A 387 3.38 -6.52 8.38
C PHE A 387 4.83 -6.84 8.04
N ASN A 388 5.29 -6.36 6.89
CA ASN A 388 6.67 -6.59 6.45
C ASN A 388 7.05 -8.06 6.40
N TYR A 389 6.23 -8.83 5.69
CA TYR A 389 6.47 -10.26 5.54
C TYR A 389 7.90 -10.55 5.07
N TYR A 390 8.54 -11.48 5.76
CA TYR A 390 9.89 -11.91 5.41
C TYR A 390 10.98 -10.86 5.48
N SER A 391 10.73 -9.79 6.22
CA SER A 391 11.75 -8.76 6.39
C SER A 391 12.85 -9.39 7.23
N ASN A 392 12.46 -10.33 8.08
CA ASN A 392 13.42 -11.05 8.91
C ASN A 392 13.70 -12.36 8.16
N LEU A 393 14.94 -12.53 7.73
CA LEU A 393 15.32 -13.70 6.96
C LEU A 393 15.12 -15.04 7.64
N THR A 394 15.06 -15.06 8.96
CA THR A 394 14.84 -16.33 9.64
C THR A 394 13.41 -16.80 9.34
N ASP A 395 12.47 -15.86 9.19
CA ASP A 395 11.10 -16.24 8.85
C ASP A 395 11.12 -16.91 7.47
N LEU A 396 11.91 -16.36 6.55
CA LEU A 396 12.00 -16.91 5.20
C LEU A 396 12.59 -18.32 5.22
N SER A 397 13.63 -18.51 6.03
CA SER A 397 14.27 -19.82 6.14
C SER A 397 13.25 -20.85 6.62
N HIS A 398 12.36 -20.43 7.52
CA HIS A 398 11.33 -21.32 8.04
C HIS A 398 10.28 -21.62 6.99
N CYS A 399 9.98 -20.64 6.13
CA CYS A 399 9.02 -20.87 5.06
C CYS A 399 9.58 -21.92 4.12
N VAL A 400 10.85 -21.77 3.77
CA VAL A 400 11.50 -22.72 2.88
C VAL A 400 11.40 -24.13 3.43
N SER A 401 11.76 -24.30 4.70
CA SER A 401 11.70 -25.61 5.33
C SER A 401 10.26 -26.13 5.33
N GLY A 402 9.30 -25.22 5.60
CA GLY A 402 7.91 -25.62 5.62
C GLY A 402 7.39 -26.06 4.27
N MET A 403 7.74 -25.34 3.21
CA MET A 403 7.27 -25.73 1.89
C MET A 403 7.98 -26.99 1.40
N LYS A 404 9.19 -27.24 1.89
CA LYS A 404 9.88 -28.47 1.51
C LYS A 404 9.13 -29.62 2.17
N LYS A 405 8.62 -29.38 3.39
CA LYS A 405 7.87 -30.43 4.07
C LYS A 405 6.58 -30.70 3.28
N ILE A 406 5.96 -29.65 2.76
CA ILE A 406 4.76 -29.82 1.96
C ILE A 406 5.16 -30.65 0.75
N GLY A 407 6.36 -30.39 0.22
CA GLY A 407 6.86 -31.15 -0.92
C GLY A 407 6.91 -32.63 -0.57
N GLU A 408 7.35 -32.92 0.66
CA GLU A 408 7.41 -34.31 1.12
C GLU A 408 6.02 -34.92 1.17
N LEU A 409 5.04 -34.18 1.67
CA LEU A 409 3.68 -34.69 1.73
C LEU A 409 3.19 -35.02 0.33
N LEU A 410 3.49 -34.15 -0.63
CA LEU A 410 3.05 -34.38 -2.00
C LEU A 410 3.74 -35.57 -2.64
N SER A 411 4.85 -36.02 -2.05
CA SER A 411 5.60 -37.14 -2.59
C SER A 411 5.31 -38.47 -1.88
N THR A 412 4.41 -38.44 -0.90
CA THR A 412 4.04 -39.63 -0.15
C THR A 412 3.14 -40.58 -0.93
N ASP A 413 3.10 -41.85 -0.50
CA ASP A 413 2.23 -42.81 -1.14
C ASP A 413 0.80 -42.34 -0.87
N ALA A 414 0.61 -41.75 0.30
CA ALA A 414 -0.68 -41.25 0.73
C ALA A 414 -1.35 -40.29 -0.26
N LEU A 415 -0.57 -39.42 -0.89
CA LEU A 415 -1.16 -38.47 -1.82
C LEU A 415 -1.05 -38.88 -3.29
N LYS A 416 -0.43 -40.02 -3.54
CA LYS A 416 -0.28 -40.51 -4.91
C LYS A 416 -1.61 -40.64 -5.67
N PRO A 417 -2.67 -41.12 -4.99
CA PRO A 417 -3.98 -41.27 -5.66
C PRO A 417 -4.61 -39.96 -6.09
N TYR A 418 -4.08 -38.84 -5.61
CA TYR A 418 -4.65 -37.55 -5.96
C TYR A 418 -3.91 -36.80 -7.05
N LYS A 419 -2.96 -37.48 -7.70
CA LYS A 419 -2.19 -36.91 -8.80
C LYS A 419 -2.98 -37.23 -10.07
N VAL A 420 -2.75 -36.44 -11.12
CA VAL A 420 -3.42 -36.70 -12.38
C VAL A 420 -2.50 -37.52 -13.26
N GLU A 421 -1.20 -37.44 -12.98
CA GLU A 421 -0.18 -38.17 -13.74
C GLU A 421 0.81 -38.85 -12.80
N ASP A 422 1.35 -39.99 -13.23
CA ASP A 422 2.31 -40.76 -12.44
C ASP A 422 3.65 -40.07 -12.16
N LEU A 423 3.86 -38.91 -12.76
CA LEU A 423 5.10 -38.16 -12.58
C LEU A 423 5.73 -38.30 -11.18
N PRO A 424 7.07 -38.41 -11.12
CA PRO A 424 7.84 -38.55 -9.88
C PRO A 424 7.94 -37.29 -9.03
N GLY A 425 8.49 -37.45 -7.82
CA GLY A 425 8.64 -36.32 -6.93
C GLY A 425 7.33 -35.63 -6.60
N VAL A 426 7.32 -34.30 -6.66
CA VAL A 426 6.13 -33.52 -6.38
C VAL A 426 5.34 -33.24 -7.64
N GLU A 427 5.79 -33.80 -8.76
CA GLU A 427 5.13 -33.59 -10.04
C GLU A 427 3.96 -34.54 -10.28
N GLY A 428 3.04 -34.13 -11.16
CA GLY A 428 1.90 -34.97 -11.48
C GLY A 428 0.57 -34.46 -10.98
N PHE A 429 0.58 -33.45 -10.13
CA PHE A 429 -0.66 -32.89 -9.60
C PHE A 429 -1.20 -31.77 -10.48
N ASN A 430 -2.51 -31.60 -10.46
CA ASN A 430 -3.14 -30.52 -11.19
C ASN A 430 -3.13 -29.42 -10.13
N ILE A 431 -2.29 -28.41 -10.33
CA ILE A 431 -2.14 -27.33 -9.37
C ILE A 431 -2.93 -26.07 -9.69
N LEU A 432 -3.56 -25.50 -8.68
CA LEU A 432 -4.32 -24.27 -8.83
C LEU A 432 -3.44 -23.16 -8.23
N GLY A 433 -2.86 -22.35 -9.10
CA GLY A 433 -1.99 -21.28 -8.62
C GLY A 433 -0.52 -21.61 -8.83
N ILE A 434 0.35 -20.96 -8.04
CA ILE A 434 1.78 -21.17 -8.15
C ILE A 434 2.24 -22.52 -7.61
N PRO A 435 2.87 -23.35 -8.46
CA PRO A 435 3.36 -24.67 -8.07
C PRO A 435 4.71 -24.60 -7.35
N LEU A 436 5.06 -25.66 -6.63
CA LEU A 436 6.34 -25.72 -5.93
C LEU A 436 7.47 -25.90 -6.93
N PRO A 437 8.70 -25.54 -6.54
CA PRO A 437 9.82 -25.73 -7.46
C PRO A 437 9.97 -27.24 -7.58
N LYS A 438 10.33 -27.74 -8.75
CA LYS A 438 10.47 -29.18 -8.94
C LYS A 438 11.61 -29.76 -8.09
N ASP A 439 12.75 -29.05 -8.11
CA ASP A 439 13.93 -29.48 -7.36
C ASP A 439 13.78 -29.15 -5.88
N GLN A 440 13.56 -30.18 -5.06
CA GLN A 440 13.37 -29.98 -3.63
C GLN A 440 14.63 -29.55 -2.87
N THR A 441 15.75 -29.44 -3.58
CA THR A 441 17.00 -29.02 -2.95
C THR A 441 17.41 -27.60 -3.38
N ASP A 442 16.59 -26.96 -4.21
CA ASP A 442 16.88 -25.62 -4.71
C ASP A 442 16.33 -24.54 -3.78
N ASP A 443 17.10 -24.21 -2.75
CA ASP A 443 16.69 -23.20 -1.77
C ASP A 443 16.32 -21.85 -2.38
N ALA A 444 17.13 -21.37 -3.31
CA ALA A 444 16.86 -20.09 -3.94
C ALA A 444 15.47 -20.08 -4.61
N ALA A 445 15.12 -21.18 -5.26
CA ALA A 445 13.83 -21.28 -5.93
C ALA A 445 12.70 -21.26 -4.90
N PHE A 446 12.92 -21.89 -3.75
CA PHE A 446 11.91 -21.91 -2.71
C PHE A 446 11.74 -20.53 -2.07
N GLU A 447 12.83 -19.79 -1.95
CA GLU A 447 12.75 -18.44 -1.40
C GLU A 447 11.88 -17.57 -2.31
N THR A 448 12.10 -17.72 -3.61
CA THR A 448 11.30 -16.96 -4.58
C THR A 448 9.84 -17.37 -4.46
N PHE A 449 9.60 -18.66 -4.32
CA PHE A 449 8.24 -19.16 -4.18
C PHE A 449 7.59 -18.55 -2.94
N CYS A 450 8.31 -18.62 -1.82
CA CYS A 450 7.81 -18.10 -0.56
C CYS A 450 7.43 -16.62 -0.65
N ARG A 451 8.32 -15.83 -1.24
CA ARG A 451 8.07 -14.39 -1.36
C ARG A 451 6.93 -14.01 -2.31
N GLU A 452 6.86 -14.65 -3.47
CA GLU A 452 5.84 -14.29 -4.45
C GLU A 452 4.46 -14.90 -4.26
N SER A 453 4.35 -15.94 -3.45
CA SER A 453 3.05 -16.57 -3.26
C SER A 453 2.46 -16.42 -1.86
N VAL A 454 3.16 -15.67 -1.01
CA VAL A 454 2.70 -15.49 0.37
C VAL A 454 1.30 -14.91 0.52
N ALA A 455 0.60 -15.36 1.55
CA ALA A 455 -0.74 -14.89 1.87
C ALA A 455 -0.76 -14.75 3.39
N SER A 456 -1.86 -14.26 3.95
CA SER A 456 -1.96 -14.13 5.41
C SER A 456 -2.63 -15.37 5.98
N TYR A 457 -2.22 -15.75 7.19
CA TYR A 457 -2.83 -16.90 7.83
C TYR A 457 -4.00 -16.39 8.68
N TRP A 458 -4.17 -15.06 8.69
CA TRP A 458 -5.24 -14.39 9.42
C TRP A 458 -5.06 -14.42 10.94
N HIS A 459 -3.86 -14.79 11.39
CA HIS A 459 -3.59 -14.87 12.82
C HIS A 459 -2.75 -13.69 13.31
N TYR A 460 -2.92 -12.54 12.66
CA TYR A 460 -2.18 -11.35 13.04
C TYR A 460 -2.42 -11.02 14.51
N HIS A 461 -1.43 -10.40 15.14
CA HIS A 461 -1.50 -10.07 16.55
C HIS A 461 -0.50 -8.98 16.86
N GLY A 462 -0.49 -8.49 18.10
CA GLY A 462 0.43 -7.46 18.49
C GLY A 462 -0.16 -6.08 18.34
N GLY A 463 0.65 -5.05 18.53
CA GLY A 463 0.17 -3.68 18.41
C GLY A 463 -0.01 -2.97 19.74
N CYS A 464 -0.07 -3.72 20.83
CA CYS A 464 -0.24 -3.14 22.16
C CYS A 464 0.40 -4.14 23.13
N LEU A 465 1.68 -4.41 22.92
CA LEU A 465 2.41 -5.40 23.70
C LEU A 465 2.64 -5.22 25.19
N VAL A 466 2.58 -6.35 25.88
CA VAL A 466 2.87 -6.36 27.30
C VAL A 466 4.38 -6.05 27.29
N GLY A 467 4.80 -5.10 28.12
CA GLY A 467 6.20 -4.74 28.16
C GLY A 467 6.54 -3.54 27.28
N LYS A 468 5.62 -3.16 26.41
CA LYS A 468 5.83 -2.02 25.51
C LYS A 468 4.77 -0.96 25.79
N VAL A 469 3.52 -1.41 25.94
CA VAL A 469 2.42 -0.50 26.23
C VAL A 469 1.74 -0.91 27.53
N LEU A 470 1.69 -2.22 27.79
CA LEU A 470 1.02 -2.74 28.99
C LEU A 470 1.99 -3.31 30.00
N ASP A 471 1.51 -3.46 31.24
CA ASP A 471 2.32 -4.07 32.28
C ASP A 471 1.91 -5.54 32.40
N GLY A 472 2.48 -6.24 33.37
CA GLY A 472 2.17 -7.66 33.55
C GLY A 472 0.75 -8.01 33.95
N ASP A 473 -0.05 -7.00 34.27
CA ASP A 473 -1.44 -7.21 34.66
C ASP A 473 -2.37 -6.68 33.56
N PHE A 474 -1.79 -6.41 32.40
CA PHE A 474 -2.49 -5.91 31.21
C PHE A 474 -3.01 -4.48 31.32
N ARG A 475 -2.50 -3.74 32.30
CA ARG A 475 -2.88 -2.35 32.48
C ARG A 475 -2.07 -1.50 31.51
N VAL A 476 -2.69 -0.46 30.95
CA VAL A 476 -1.95 0.45 30.08
C VAL A 476 -1.13 1.28 31.06
N THR A 477 0.18 1.27 30.89
CA THR A 477 1.05 2.00 31.82
C THR A 477 0.79 3.50 31.82
N GLY A 478 0.89 4.11 33.00
CA GLY A 478 0.68 5.54 33.13
C GLY A 478 -0.75 5.99 33.24
N ILE A 479 -1.69 5.06 33.07
CA ILE A 479 -3.11 5.40 33.14
C ILE A 479 -3.86 4.42 34.04
N ASN A 480 -4.70 4.95 34.92
CA ASN A 480 -5.50 4.10 35.81
C ASN A 480 -6.82 3.70 35.17
N ALA A 481 -7.38 2.61 35.68
CA ALA A 481 -8.66 2.09 35.22
C ALA A 481 -8.74 1.79 33.71
N LEU A 482 -7.63 1.37 33.14
CA LEU A 482 -7.59 1.05 31.72
C LEU A 482 -6.72 -0.18 31.42
N ARG A 483 -7.30 -1.18 30.79
CA ARG A 483 -6.57 -2.38 30.44
C ARG A 483 -6.86 -2.78 29.00
N VAL A 484 -6.05 -3.68 28.47
CA VAL A 484 -6.20 -4.19 27.12
C VAL A 484 -6.12 -5.70 27.23
N VAL A 485 -7.12 -6.38 26.69
CA VAL A 485 -7.16 -7.84 26.72
C VAL A 485 -7.73 -8.38 25.41
N ASP A 486 -6.83 -8.84 24.55
CA ASP A 486 -7.17 -9.42 23.25
C ASP A 486 -5.89 -9.82 22.55
N GLY A 487 -5.96 -10.06 21.23
CA GLY A 487 -4.79 -10.49 20.49
C GLY A 487 -3.68 -9.47 20.27
N SER A 488 -3.88 -8.23 20.69
CA SER A 488 -2.86 -7.20 20.49
C SER A 488 -1.74 -7.20 21.52
N THR A 489 -1.85 -8.04 22.55
CA THR A 489 -0.88 -8.03 23.65
C THR A 489 0.46 -8.77 23.59
N PHE A 490 0.64 -9.69 22.64
CA PHE A 490 1.91 -10.41 22.55
C PHE A 490 2.47 -10.42 21.14
N PRO A 491 3.81 -10.47 21.00
CA PRO A 491 4.47 -10.47 19.70
C PRO A 491 4.45 -11.77 18.90
N TYR A 492 4.36 -12.90 19.58
CA TYR A 492 4.37 -14.17 18.88
C TYR A 492 3.09 -14.95 19.07
N THR A 493 2.76 -15.77 18.08
CA THR A 493 1.54 -16.56 18.13
C THR A 493 1.71 -17.68 19.17
N PRO A 494 0.68 -17.88 20.00
CA PRO A 494 0.71 -18.90 21.06
C PRO A 494 0.64 -20.37 20.63
N ALA A 495 0.14 -20.60 19.42
CA ALA A 495 0.02 -21.95 18.90
C ALA A 495 -0.23 -21.86 17.41
N SER A 496 -0.45 -22.99 16.75
CA SER A 496 -0.73 -22.98 15.32
C SER A 496 -2.02 -22.20 15.09
N HIS A 497 -2.91 -22.24 16.07
CA HIS A 497 -4.20 -21.56 16.02
C HIS A 497 -4.38 -20.91 17.39
N PRO A 498 -4.45 -19.57 17.41
CA PRO A 498 -4.59 -18.73 18.60
C PRO A 498 -5.90 -18.50 19.32
N GLN A 499 -7.04 -18.85 18.74
CA GLN A 499 -8.29 -18.57 19.42
C GLN A 499 -8.38 -19.19 20.82
N GLY A 500 -7.87 -20.40 20.98
CA GLY A 500 -7.92 -21.03 22.30
C GLY A 500 -7.25 -20.18 23.37
N PHE A 501 -6.08 -19.65 23.06
CA PHE A 501 -5.34 -18.82 23.99
C PHE A 501 -6.08 -17.50 24.25
N TYR A 502 -6.61 -16.88 23.19
CA TYR A 502 -7.31 -15.61 23.35
C TYR A 502 -8.64 -15.77 24.12
N LEU A 503 -9.31 -16.90 23.93
CA LEU A 503 -10.58 -17.15 24.63
C LEU A 503 -10.22 -17.29 26.11
N MET A 504 -9.17 -18.06 26.38
CA MET A 504 -8.72 -18.28 27.75
C MET A 504 -8.30 -16.96 28.39
N LEU A 505 -7.54 -16.16 27.65
CA LEU A 505 -7.06 -14.87 28.17
C LEU A 505 -8.16 -13.97 28.71
N GLY A 506 -9.27 -13.91 28.00
CA GLY A 506 -10.38 -13.06 28.43
C GLY A 506 -10.83 -13.40 29.84
N ARG A 507 -11.14 -14.66 30.09
CA ARG A 507 -11.57 -15.04 31.43
C ARG A 507 -10.44 -14.98 32.44
N TYR A 508 -9.23 -15.33 32.01
CA TYR A 508 -8.08 -15.32 32.91
C TYR A 508 -7.91 -13.94 33.54
N VAL A 509 -7.88 -12.90 32.71
CA VAL A 509 -7.71 -11.55 33.22
C VAL A 509 -8.95 -11.16 34.05
N GLY A 510 -10.11 -11.66 33.64
CA GLY A 510 -11.33 -11.37 34.37
C GLY A 510 -11.21 -11.86 35.80
N ILE A 511 -10.68 -13.07 35.97
CA ILE A 511 -10.51 -13.64 37.30
C ILE A 511 -9.45 -12.85 38.08
N LYS A 512 -8.38 -12.45 37.41
CA LYS A 512 -7.33 -11.70 38.08
C LYS A 512 -7.90 -10.38 38.60
N ILE A 513 -8.82 -9.78 37.85
CA ILE A 513 -9.44 -8.53 38.26
C ILE A 513 -10.34 -8.77 39.46
N LEU A 514 -11.08 -9.88 39.45
CA LEU A 514 -11.98 -10.18 40.56
C LEU A 514 -11.17 -10.49 41.82
N GLN A 515 -10.02 -11.13 41.66
CA GLN A 515 -9.18 -11.45 42.80
C GLN A 515 -8.60 -10.17 43.38
N GLU A 516 -8.35 -9.21 42.51
CA GLU A 516 -7.80 -7.92 42.93
C GLU A 516 -8.88 -7.14 43.69
N ARG A 517 -10.11 -7.21 43.21
CA ARG A 517 -11.22 -6.52 43.86
C ARG A 517 -11.50 -7.16 45.22
N SER A 518 -11.41 -8.47 45.28
CA SER A 518 -11.66 -9.19 46.54
C SER A 518 -10.67 -8.77 47.62
N ALA A 519 -9.42 -8.59 47.22
CA ALA A 519 -8.38 -8.18 48.15
C ALA A 519 -8.52 -6.72 48.55
N SER A 520 -9.16 -5.92 47.71
CA SER A 520 -9.35 -4.51 47.99
C SER A 520 -10.62 -4.22 48.79
N ASP A 521 -11.48 -5.23 48.96
CA ASP A 521 -12.70 -5.03 49.73
C ASP A 521 -12.39 -4.90 51.21
N LEU B 1 11.53 30.21 -29.59
CA LEU B 1 10.26 29.43 -29.67
C LEU B 1 10.04 28.87 -31.07
N ALA B 2 9.26 27.80 -31.15
CA ALA B 2 8.97 27.17 -32.43
C ALA B 2 7.73 27.73 -33.08
N THR B 3 7.53 27.35 -34.34
CA THR B 3 6.37 27.78 -35.11
C THR B 3 5.48 26.58 -35.34
N THR B 4 4.18 26.75 -35.16
CA THR B 4 3.21 25.68 -35.34
C THR B 4 3.47 24.87 -36.59
N SER B 5 3.44 23.54 -36.44
CA SER B 5 3.67 22.63 -37.55
C SER B 5 3.27 21.22 -37.12
N ASP B 6 3.24 20.30 -38.08
CA ASP B 6 2.89 18.91 -37.79
C ASP B 6 3.97 18.28 -36.91
N HIS B 7 3.61 17.23 -36.18
CA HIS B 7 4.55 16.54 -35.33
C HIS B 7 5.57 15.95 -36.31
N ASP B 8 6.85 16.23 -36.09
CA ASP B 8 7.92 15.75 -36.97
C ASP B 8 8.35 14.31 -36.70
N PHE B 9 7.96 13.41 -37.59
CA PHE B 9 8.31 11.99 -37.43
C PHE B 9 9.42 11.57 -38.39
N SER B 10 10.28 12.49 -38.79
CA SER B 10 11.36 12.17 -39.71
C SER B 10 12.28 11.09 -39.13
N TYR B 11 12.38 11.04 -37.80
CA TYR B 11 13.25 10.08 -37.13
C TYR B 11 12.84 8.62 -37.31
N LEU B 12 11.65 8.39 -37.83
CA LEU B 12 11.18 7.02 -38.05
C LEU B 12 12.11 6.27 -39.00
N SER B 13 12.89 7.01 -39.77
CA SER B 13 13.83 6.40 -40.72
C SER B 13 14.88 5.58 -39.99
N PHE B 14 15.13 5.90 -38.73
CA PHE B 14 16.12 5.15 -37.97
C PHE B 14 15.54 4.54 -36.70
N ALA B 15 14.23 4.31 -36.70
CA ALA B 15 13.55 3.68 -35.58
C ALA B 15 13.24 2.24 -35.98
N TYR B 16 13.52 1.30 -35.08
CA TYR B 16 13.27 -0.11 -35.37
C TYR B 16 12.61 -0.79 -34.19
N ASP B 17 11.86 -1.85 -34.48
CA ASP B 17 11.24 -2.61 -33.41
C ASP B 17 12.40 -3.48 -32.94
N ALA B 18 12.47 -3.72 -31.63
CA ALA B 18 13.55 -4.52 -31.08
C ALA B 18 13.73 -5.86 -31.77
N THR B 19 12.65 -6.39 -32.34
CA THR B 19 12.72 -7.68 -33.03
C THR B 19 13.57 -7.60 -34.30
N ASP B 20 13.76 -6.39 -34.81
CA ASP B 20 14.55 -6.20 -36.03
C ASP B 20 15.98 -5.74 -35.77
N LEU B 21 16.29 -5.47 -34.52
CA LEU B 21 17.64 -5.04 -34.15
C LEU B 21 18.53 -6.27 -34.05
N GLU B 22 19.82 -6.09 -34.27
CA GLU B 22 20.76 -7.20 -34.21
C GLU B 22 20.74 -7.84 -32.82
N LEU B 23 21.08 -9.13 -32.76
CA LEU B 23 21.10 -9.84 -31.49
C LEU B 23 22.27 -9.36 -30.62
N GLU B 24 23.35 -8.94 -31.27
CA GLU B 24 24.51 -8.43 -30.56
C GLU B 24 25.04 -7.21 -31.29
N GLY B 25 24.89 -6.04 -30.69
CA GLY B 25 25.34 -4.82 -31.32
C GLY B 25 26.42 -4.10 -30.53
N SER B 26 27.18 -3.27 -31.22
CA SER B 26 28.26 -2.50 -30.62
C SER B 26 28.08 -1.02 -30.97
N TYR B 27 28.09 -0.17 -29.95
CA TYR B 27 27.92 1.27 -30.14
C TYR B 27 28.87 2.05 -29.23
N ASP B 28 28.86 3.37 -29.36
CA ASP B 28 29.68 4.20 -28.49
C ASP B 28 28.86 4.48 -27.24
N TYR B 29 27.56 4.70 -27.42
CA TYR B 29 26.67 4.97 -26.29
C TYR B 29 25.34 4.23 -26.40
N VAL B 30 24.90 3.70 -25.27
CA VAL B 30 23.62 3.01 -25.21
C VAL B 30 22.80 3.77 -24.18
N ILE B 31 21.64 4.27 -24.59
CA ILE B 31 20.78 5.03 -23.70
C ILE B 31 19.53 4.22 -23.38
N VAL B 32 19.30 4.00 -22.08
CA VAL B 32 18.15 3.24 -21.65
C VAL B 32 16.99 4.17 -21.34
N GLY B 33 15.95 4.11 -22.17
CA GLY B 33 14.80 4.96 -21.98
C GLY B 33 14.78 6.12 -22.95
N GLY B 34 13.91 6.03 -23.96
CA GLY B 34 13.81 7.10 -24.93
C GLY B 34 12.77 8.10 -24.46
N GLY B 35 13.04 8.72 -23.32
CA GLY B 35 12.11 9.66 -22.74
C GLY B 35 12.43 11.14 -22.84
N THR B 36 11.92 11.88 -21.87
CA THR B 36 12.11 13.33 -21.82
C THR B 36 13.58 13.75 -21.85
N SER B 37 14.40 13.15 -21.00
CA SER B 37 15.83 13.48 -20.98
C SER B 37 16.57 12.60 -21.98
N GLY B 38 16.14 11.35 -22.12
CA GLY B 38 16.80 10.42 -23.00
C GLY B 38 16.90 10.78 -24.47
N CYS B 39 15.81 11.29 -25.05
CA CYS B 39 15.83 11.63 -26.46
C CYS B 39 16.81 12.75 -26.81
N PRO B 40 16.76 13.89 -26.10
CA PRO B 40 17.72 14.96 -26.44
C PRO B 40 19.16 14.55 -26.16
N LEU B 41 19.35 13.71 -25.15
CA LEU B 41 20.70 13.23 -24.82
C LEU B 41 21.21 12.39 -25.98
N ALA B 42 20.38 11.47 -26.46
CA ALA B 42 20.74 10.60 -27.58
C ALA B 42 21.04 11.38 -28.84
N ALA B 43 20.18 12.35 -29.15
CA ALA B 43 20.36 13.16 -30.35
C ALA B 43 21.68 13.93 -30.29
N THR B 44 21.97 14.47 -29.11
CA THR B 44 23.18 15.24 -28.91
C THR B 44 24.44 14.40 -29.10
N LEU B 45 24.47 13.22 -28.47
CA LEU B 45 25.64 12.36 -28.59
C LEU B 45 25.83 11.85 -30.02
N SER B 46 24.73 11.64 -30.73
CA SER B 46 24.79 11.14 -32.10
C SER B 46 25.42 12.13 -33.08
N GLU B 47 25.62 13.36 -32.62
CA GLU B 47 26.24 14.37 -33.48
C GLU B 47 27.64 13.94 -33.87
N LYS B 48 28.27 13.13 -33.02
CA LYS B 48 29.63 12.67 -33.30
C LYS B 48 29.85 11.16 -33.09
N TYR B 49 29.00 10.52 -32.28
CA TYR B 49 29.18 9.11 -32.01
C TYR B 49 27.99 8.23 -32.35
N LYS B 50 28.22 6.91 -32.36
CA LYS B 50 27.19 5.94 -32.67
C LYS B 50 26.36 5.68 -31.41
N VAL B 51 25.07 5.97 -31.50
CA VAL B 51 24.17 5.83 -30.36
C VAL B 51 22.97 4.92 -30.61
N LEU B 52 22.61 4.16 -29.58
CA LEU B 52 21.44 3.29 -29.64
C LEU B 52 20.57 3.68 -28.46
N VAL B 53 19.30 3.99 -28.73
CA VAL B 53 18.35 4.33 -27.68
C VAL B 53 17.40 3.14 -27.60
N LEU B 54 17.13 2.66 -26.39
CA LEU B 54 16.23 1.53 -26.19
C LEU B 54 15.03 1.97 -25.37
N GLU B 55 13.85 1.87 -25.96
CA GLU B 55 12.60 2.27 -25.32
C GLU B 55 11.63 1.10 -25.22
N ARG B 56 11.09 0.87 -24.03
CA ARG B 56 10.16 -0.24 -23.82
C ARG B 56 8.81 -0.05 -24.50
N GLY B 57 8.38 1.21 -24.64
CA GLY B 57 7.09 1.49 -25.26
C GLY B 57 7.08 1.53 -26.78
N SER B 58 5.92 1.90 -27.33
CA SER B 58 5.73 1.97 -28.77
C SER B 58 6.04 3.36 -29.33
N LEU B 59 5.92 3.49 -30.65
CA LEU B 59 6.11 4.77 -31.30
C LEU B 59 4.82 5.53 -31.01
N PRO B 60 4.88 6.86 -30.95
CA PRO B 60 3.69 7.67 -30.68
C PRO B 60 2.58 7.40 -31.70
N THR B 61 2.97 7.04 -32.92
CA THR B 61 2.00 6.77 -33.98
C THR B 61 1.06 5.62 -33.67
N ALA B 62 1.45 4.75 -32.75
CA ALA B 62 0.62 3.61 -32.38
C ALA B 62 -0.60 4.02 -31.54
N TYR B 63 -0.53 5.21 -30.94
CA TYR B 63 -1.62 5.72 -30.11
C TYR B 63 -1.91 7.16 -30.47
N PRO B 64 -2.71 7.38 -31.52
CA PRO B 64 -3.12 8.69 -32.05
C PRO B 64 -3.48 9.78 -31.04
N ASN B 65 -4.13 9.40 -29.94
CA ASN B 65 -4.54 10.39 -28.96
C ASN B 65 -3.43 11.04 -28.14
N VAL B 66 -2.19 10.58 -28.27
CA VAL B 66 -1.10 11.22 -27.54
C VAL B 66 -0.57 12.37 -28.37
N LEU B 67 -1.08 12.53 -29.59
CA LEU B 67 -0.60 13.57 -30.48
C LEU B 67 -1.39 14.87 -30.52
N THR B 68 -2.41 14.99 -29.67
CA THR B 68 -3.21 16.21 -29.63
C THR B 68 -3.56 16.61 -28.20
N ALA B 69 -3.86 17.89 -28.01
CA ALA B 69 -4.23 18.40 -26.70
C ALA B 69 -5.58 17.80 -26.29
N ASP B 70 -6.45 17.60 -27.27
CA ASP B 70 -7.78 17.05 -27.01
C ASP B 70 -7.72 15.62 -26.48
N GLY B 71 -6.61 14.93 -26.73
CA GLY B 71 -6.48 13.55 -26.27
C GLY B 71 -5.85 13.33 -24.92
N PHE B 72 -5.45 14.41 -24.24
CA PHE B 72 -4.83 14.31 -22.93
C PHE B 72 -5.60 13.43 -21.95
N VAL B 73 -6.88 13.73 -21.76
CA VAL B 73 -7.70 12.96 -20.84
C VAL B 73 -7.91 11.53 -21.33
N TYR B 74 -8.11 11.38 -22.64
CA TYR B 74 -8.32 10.06 -23.23
C TYR B 74 -7.23 9.07 -22.83
N ASN B 75 -5.98 9.47 -22.96
CA ASN B 75 -4.88 8.56 -22.62
C ASN B 75 -4.93 8.09 -21.17
N LEU B 76 -5.32 8.98 -20.27
CA LEU B 76 -5.42 8.64 -18.85
C LEU B 76 -6.61 7.72 -18.58
N GLN B 77 -7.66 7.83 -19.40
CA GLN B 77 -8.85 6.99 -19.24
C GLN B 77 -8.69 5.59 -19.80
N GLN B 78 -7.77 5.43 -20.74
CA GLN B 78 -7.53 4.15 -21.39
C GLN B 78 -7.07 3.04 -20.44
N GLU B 79 -7.69 1.87 -20.57
CA GLU B 79 -7.34 0.74 -19.74
C GLU B 79 -5.89 0.37 -19.98
N ASP B 80 -5.19 0.02 -18.90
CA ASP B 80 -3.79 -0.34 -18.98
C ASP B 80 -3.62 -1.82 -19.33
N ASP B 81 -3.27 -2.09 -20.59
CA ASP B 81 -3.08 -3.48 -21.03
C ASP B 81 -1.61 -3.86 -21.04
N GLY B 82 -0.77 -3.02 -20.44
CA GLY B 82 0.66 -3.29 -20.40
C GLY B 82 1.44 -2.79 -21.60
N LYS B 83 0.73 -2.29 -22.61
CA LYS B 83 1.40 -1.78 -23.81
C LYS B 83 1.05 -0.33 -24.10
N THR B 84 -0.03 0.15 -23.49
CA THR B 84 -0.49 1.51 -23.68
C THR B 84 0.53 2.53 -23.21
N PRO B 85 0.46 3.77 -23.73
CA PRO B 85 1.40 4.83 -23.36
C PRO B 85 1.31 5.33 -21.92
N VAL B 86 0.19 5.06 -21.26
CA VAL B 86 0.01 5.47 -19.87
C VAL B 86 0.04 4.25 -18.96
N GLU B 87 1.10 4.13 -18.16
CA GLU B 87 1.19 3.01 -17.23
C GLU B 87 0.69 3.47 -15.87
N ARG B 88 -0.28 2.75 -15.34
CA ARG B 88 -0.87 3.07 -14.05
C ARG B 88 -0.14 2.43 -12.89
N PHE B 89 -0.10 3.14 -11.77
CA PHE B 89 0.48 2.60 -10.55
C PHE B 89 -0.13 3.32 -9.36
N VAL B 90 -0.04 2.71 -8.19
CA VAL B 90 -0.60 3.31 -6.98
C VAL B 90 0.50 3.29 -5.94
N SER B 91 0.79 4.45 -5.36
CA SER B 91 1.84 4.51 -4.34
C SER B 91 1.37 3.78 -3.09
N GLU B 92 2.30 3.45 -2.20
CA GLU B 92 1.97 2.75 -0.97
C GLU B 92 1.09 3.65 -0.10
N ASP B 93 1.09 4.94 -0.40
CA ASP B 93 0.29 5.90 0.34
C ASP B 93 -1.17 5.75 -0.03
N GLY B 94 -1.42 5.07 -1.15
CA GLY B 94 -2.77 4.86 -1.63
C GLY B 94 -3.21 5.89 -2.66
N ILE B 95 -2.24 6.59 -3.25
CA ILE B 95 -2.54 7.63 -4.23
C ILE B 95 -2.27 7.17 -5.67
N ASP B 96 -3.32 7.20 -6.49
CA ASP B 96 -3.21 6.78 -7.89
C ASP B 96 -2.24 7.67 -8.67
N ASN B 97 -1.51 7.07 -9.60
CA ASN B 97 -0.53 7.81 -10.37
C ASN B 97 -0.28 7.16 -11.73
N VAL B 98 0.50 7.81 -12.57
CA VAL B 98 0.83 7.28 -13.89
C VAL B 98 2.21 7.71 -14.35
N ARG B 99 2.77 6.95 -15.29
CA ARG B 99 4.07 7.28 -15.88
C ARG B 99 4.02 6.88 -17.35
N GLY B 100 4.82 7.55 -18.17
CA GLY B 100 4.83 7.27 -19.59
C GLY B 100 5.49 5.95 -19.96
N ARG B 101 5.03 5.37 -21.05
CA ARG B 101 5.56 4.11 -21.58
C ARG B 101 5.38 4.22 -23.09
N VAL B 102 6.24 5.04 -23.71
CA VAL B 102 6.16 5.29 -25.14
C VAL B 102 7.40 6.09 -25.53
N LEU B 103 7.77 6.07 -26.81
CA LEU B 103 8.94 6.84 -27.24
C LEU B 103 8.57 8.31 -27.03
N GLY B 104 9.45 9.05 -26.36
CA GLY B 104 9.17 10.45 -26.07
C GLY B 104 8.91 10.51 -24.57
N GLY B 105 8.69 9.35 -23.99
CA GLY B 105 8.45 9.27 -22.56
C GLY B 105 7.20 9.97 -22.05
N THR B 106 7.29 10.47 -20.83
CA THR B 106 6.15 11.13 -20.23
C THR B 106 5.83 12.48 -20.87
N SER B 107 6.75 13.01 -21.68
CA SER B 107 6.51 14.28 -22.35
C SER B 107 5.44 14.07 -23.44
N ILE B 108 5.17 12.81 -23.75
CA ILE B 108 4.18 12.43 -24.76
C ILE B 108 2.76 12.33 -24.18
N ILE B 109 2.65 12.26 -22.86
CA ILE B 109 1.34 12.13 -22.23
C ILE B 109 1.03 13.21 -21.21
N ASN B 110 1.92 14.19 -21.06
CA ASN B 110 1.72 15.23 -20.07
C ASN B 110 0.78 16.37 -20.44
N ALA B 111 0.66 17.35 -19.55
CA ALA B 111 -0.24 18.47 -19.76
C ALA B 111 0.34 19.61 -20.60
N GLY B 112 1.52 19.37 -21.18
CA GLY B 112 2.15 20.34 -22.05
C GLY B 112 2.73 21.63 -21.49
N VAL B 113 2.58 21.89 -20.20
CA VAL B 113 3.10 23.14 -19.64
C VAL B 113 4.63 23.18 -19.67
N TYR B 114 5.18 24.26 -20.22
CA TYR B 114 6.63 24.42 -20.32
C TYR B 114 7.16 25.62 -19.55
N ALA B 115 8.16 25.38 -18.70
CA ALA B 115 8.79 26.43 -17.93
C ALA B 115 10.27 26.15 -17.77
N ARG B 116 11.06 27.21 -17.65
CA ARG B 116 12.48 27.04 -17.43
C ARG B 116 12.62 26.94 -15.93
N ALA B 117 13.69 26.30 -15.46
CA ALA B 117 13.89 26.15 -14.03
C ALA B 117 14.14 27.46 -13.30
N ASN B 118 13.80 27.46 -12.02
CA ASN B 118 14.04 28.61 -11.16
C ASN B 118 15.54 28.91 -11.31
N THR B 119 15.91 30.11 -11.74
CA THR B 119 17.31 30.42 -11.95
C THR B 119 18.19 30.38 -10.69
N SER B 120 17.55 30.32 -9.53
CA SER B 120 18.30 30.31 -8.28
C SER B 120 18.60 28.92 -7.71
N ILE B 121 18.11 27.88 -8.35
CA ILE B 121 18.32 26.52 -7.85
C ILE B 121 19.60 25.83 -8.31
N TYR B 122 20.30 26.43 -9.28
CA TYR B 122 21.52 25.82 -9.79
C TYR B 122 22.72 25.83 -8.85
N SER B 123 22.91 26.93 -8.13
CA SER B 123 24.06 27.07 -7.23
C SER B 123 24.22 26.01 -6.12
N ALA B 124 23.11 25.56 -5.54
CA ALA B 124 23.19 24.56 -4.47
C ALA B 124 22.74 23.15 -4.87
N SER B 125 22.79 22.86 -6.17
CA SER B 125 22.36 21.56 -6.67
C SER B 125 23.37 20.42 -6.57
N GLY B 126 24.64 20.74 -6.36
CA GLY B 126 25.65 19.70 -6.28
C GLY B 126 26.30 19.50 -7.63
N VAL B 127 25.91 20.33 -8.58
CA VAL B 127 26.44 20.30 -9.94
C VAL B 127 26.98 21.70 -10.26
N ASP B 128 28.16 21.75 -10.86
CA ASP B 128 28.76 23.03 -11.25
C ASP B 128 28.24 23.33 -12.65
N TRP B 129 27.16 24.09 -12.73
CA TRP B 129 26.55 24.41 -14.02
C TRP B 129 27.21 25.47 -14.87
N ASP B 130 27.24 25.21 -16.17
CA ASP B 130 27.76 26.15 -17.17
C ASP B 130 26.47 26.84 -17.61
N MET B 131 26.17 28.00 -17.02
CA MET B 131 24.93 28.71 -17.34
C MET B 131 24.79 29.15 -18.79
N ASP B 132 25.90 29.42 -19.47
CA ASP B 132 25.79 29.81 -20.87
C ASP B 132 25.26 28.60 -21.64
N LEU B 133 25.78 27.43 -21.32
CA LEU B 133 25.36 26.20 -21.98
C LEU B 133 23.91 25.87 -21.60
N VAL B 134 23.56 26.09 -20.34
CA VAL B 134 22.19 25.83 -19.88
C VAL B 134 21.21 26.61 -20.75
N ASN B 135 21.44 27.91 -20.90
CA ASN B 135 20.55 28.72 -21.71
C ASN B 135 20.58 28.38 -23.19
N GLN B 136 21.76 28.03 -23.70
CA GLN B 136 21.85 27.66 -25.11
C GLN B 136 21.02 26.41 -25.35
N THR B 137 21.03 25.52 -24.36
CA THR B 137 20.29 24.27 -24.45
C THR B 137 18.77 24.50 -24.36
N TYR B 138 18.35 25.42 -23.50
CA TYR B 138 16.93 25.74 -23.39
C TYR B 138 16.45 26.24 -24.74
N GLU B 139 17.22 27.15 -25.34
CA GLU B 139 16.88 27.71 -26.64
C GLU B 139 16.78 26.62 -27.71
N TRP B 140 17.72 25.68 -27.66
CA TRP B 140 17.75 24.56 -28.60
C TRP B 140 16.43 23.76 -28.51
N VAL B 141 15.99 23.48 -27.29
CA VAL B 141 14.74 22.74 -27.08
C VAL B 141 13.54 23.59 -27.49
N GLU B 142 13.51 24.82 -26.99
CA GLU B 142 12.42 25.75 -27.27
C GLU B 142 12.18 26.01 -28.76
N ASP B 143 13.25 26.18 -29.51
CA ASP B 143 13.11 26.44 -30.94
C ASP B 143 12.55 25.25 -31.70
N THR B 144 12.49 24.10 -31.04
CA THR B 144 11.99 22.89 -31.68
C THR B 144 10.58 22.47 -31.26
N ILE B 145 10.29 22.52 -29.96
CA ILE B 145 9.00 22.06 -29.49
C ILE B 145 8.20 22.92 -28.48
N VAL B 146 8.57 24.18 -28.31
CA VAL B 146 7.83 25.04 -27.37
C VAL B 146 7.16 26.19 -28.12
N TYR B 147 5.91 26.49 -27.75
CA TYR B 147 5.16 27.53 -28.43
C TYR B 147 4.50 28.56 -27.52
N LYS B 148 4.29 29.75 -28.06
CA LYS B 148 3.60 30.82 -27.35
C LYS B 148 2.16 30.43 -27.62
N PRO B 149 1.39 30.14 -26.56
CA PRO B 149 -0.01 29.74 -26.69
C PRO B 149 -1.01 30.77 -27.19
N ASN B 150 -2.14 30.27 -27.70
CA ASN B 150 -3.21 31.14 -28.18
C ASN B 150 -3.83 31.72 -26.93
N SER B 151 -4.55 32.83 -27.08
CA SER B 151 -5.24 33.39 -25.92
C SER B 151 -6.43 32.46 -25.72
N GLN B 152 -6.77 32.17 -24.47
CA GLN B 152 -7.90 31.30 -24.16
C GLN B 152 -8.72 31.94 -23.06
N SER B 153 -10.03 32.04 -23.29
CA SER B 153 -10.93 32.66 -22.34
C SER B 153 -10.78 32.21 -20.89
N TRP B 154 -10.84 30.91 -20.63
CA TRP B 154 -10.73 30.47 -19.25
C TRP B 154 -9.37 30.78 -18.63
N GLN B 155 -8.30 30.65 -19.41
CA GLN B 155 -6.99 30.94 -18.86
C GLN B 155 -6.91 32.44 -18.54
N SER B 156 -7.57 33.26 -19.37
CA SER B 156 -7.58 34.70 -19.14
C SER B 156 -8.36 35.01 -17.86
N VAL B 157 -9.46 34.30 -17.63
CA VAL B 157 -10.24 34.51 -16.42
C VAL B 157 -9.37 34.16 -15.22
N THR B 158 -8.67 33.03 -15.32
CA THR B 158 -7.80 32.57 -14.25
C THR B 158 -6.72 33.63 -13.96
N LYS B 159 -6.15 34.21 -15.01
CA LYS B 159 -5.14 35.25 -14.84
C LYS B 159 -5.72 36.43 -14.05
N THR B 160 -6.95 36.83 -14.37
CA THR B 160 -7.55 37.95 -13.66
C THR B 160 -7.77 37.58 -12.19
N ALA B 161 -8.13 36.32 -11.95
CA ALA B 161 -8.35 35.87 -10.58
C ALA B 161 -7.05 35.92 -9.78
N PHE B 162 -5.97 35.42 -10.38
CA PHE B 162 -4.66 35.42 -9.71
C PHE B 162 -4.22 36.83 -9.38
N LEU B 163 -4.37 37.76 -10.32
CA LEU B 163 -3.96 39.13 -10.09
C LEU B 163 -4.84 39.80 -9.03
N GLU B 164 -6.12 39.49 -9.02
CA GLU B 164 -7.02 40.07 -8.04
C GLU B 164 -6.66 39.52 -6.65
N ALA B 165 -6.21 38.28 -6.61
CA ALA B 165 -5.84 37.61 -5.36
C ALA B 165 -4.42 37.90 -4.87
N GLY B 166 -3.74 38.86 -5.49
CA GLY B 166 -2.41 39.23 -5.04
C GLY B 166 -1.22 38.39 -5.46
N VAL B 167 -1.36 37.56 -6.48
CA VAL B 167 -0.22 36.75 -6.94
C VAL B 167 0.51 37.69 -7.89
N HIS B 168 1.38 38.51 -7.31
CA HIS B 168 2.12 39.52 -8.04
C HIS B 168 3.63 39.30 -8.06
N PRO B 169 4.31 39.94 -9.03
CA PRO B 169 3.76 40.82 -10.06
C PRO B 169 3.28 40.07 -11.29
N ASN B 170 2.86 40.81 -12.31
CA ASN B 170 2.42 40.22 -13.57
C ASN B 170 3.63 40.23 -14.51
N HIS B 171 3.95 39.08 -15.08
CA HIS B 171 5.10 38.96 -15.98
C HIS B 171 4.73 38.91 -17.46
N GLY B 172 3.44 39.02 -17.76
CA GLY B 172 3.02 38.94 -19.15
C GLY B 172 3.33 37.54 -19.65
N PHE B 173 3.94 37.43 -20.84
CA PHE B 173 4.32 36.13 -21.35
C PHE B 173 5.80 35.92 -21.04
N SER B 174 6.09 34.83 -20.32
CA SER B 174 7.46 34.53 -19.92
C SER B 174 7.61 33.06 -19.62
N LEU B 175 8.74 32.47 -20.01
CA LEU B 175 9.00 31.05 -19.77
C LEU B 175 9.62 30.79 -18.39
N ASP B 176 10.12 31.85 -17.76
CA ASP B 176 10.79 31.71 -16.48
C ASP B 176 9.93 31.52 -15.23
N HIS B 177 10.37 30.60 -14.39
CA HIS B 177 9.69 30.31 -13.14
C HIS B 177 10.04 31.44 -12.16
N GLU B 178 9.11 32.38 -12.00
CA GLU B 178 9.29 33.51 -11.09
C GLU B 178 8.03 33.74 -10.29
N GLU B 179 8.18 34.26 -9.08
CA GLU B 179 7.04 34.55 -8.23
C GLU B 179 6.12 35.53 -8.96
N GLY B 180 4.82 35.25 -8.95
CA GLY B 180 3.88 36.11 -9.62
C GLY B 180 3.05 35.36 -10.64
N THR B 181 2.29 36.10 -11.44
CA THR B 181 1.43 35.51 -12.45
C THR B 181 1.98 35.75 -13.84
N ARG B 182 1.85 34.75 -14.71
CA ARG B 182 2.33 34.87 -16.08
C ARG B 182 1.67 33.83 -16.98
N ILE B 183 1.86 34.01 -18.27
CA ILE B 183 1.39 33.06 -19.27
C ILE B 183 2.72 32.45 -19.69
N THR B 184 2.84 31.13 -19.59
CA THR B 184 4.09 30.48 -19.97
C THR B 184 3.92 29.72 -21.29
N GLY B 185 4.99 29.06 -21.73
CA GLY B 185 4.94 28.31 -22.98
C GLY B 185 4.28 26.95 -22.85
N SER B 186 4.05 26.29 -23.99
CA SER B 186 3.44 24.98 -23.98
C SER B 186 4.04 24.12 -25.08
N THR B 187 4.05 22.80 -24.89
CA THR B 187 4.57 21.91 -25.91
C THR B 187 3.44 21.52 -26.87
N PHE B 188 2.26 22.13 -26.66
CA PHE B 188 1.13 21.92 -27.57
C PHE B 188 1.20 23.18 -28.43
N ASP B 189 1.11 23.06 -29.76
CA ASP B 189 1.16 24.26 -30.59
C ASP B 189 -0.22 24.89 -30.73
N ASN B 190 -0.30 25.99 -31.48
CA ASN B 190 -1.54 26.72 -31.64
C ASN B 190 -2.69 26.00 -32.34
N LYS B 191 -2.42 24.82 -32.91
CA LYS B 191 -3.46 24.05 -33.57
C LYS B 191 -3.85 22.86 -32.68
N GLY B 192 -3.19 22.75 -31.53
CA GLY B 192 -3.49 21.68 -30.61
C GLY B 192 -2.61 20.44 -30.80
N THR B 193 -1.68 20.50 -31.75
CA THR B 193 -0.79 19.38 -31.99
C THR B 193 0.24 19.28 -30.88
N ARG B 194 0.43 18.08 -30.35
CA ARG B 194 1.41 17.89 -29.30
C ARG B 194 2.79 17.68 -29.88
N HIS B 195 3.77 18.35 -29.30
CA HIS B 195 5.15 18.22 -29.72
C HIS B 195 5.82 17.68 -28.47
N ALA B 196 6.83 16.83 -28.63
CA ALA B 196 7.46 16.23 -27.47
C ALA B 196 8.92 15.88 -27.68
N ALA B 197 9.51 15.24 -26.67
CA ALA B 197 10.91 14.87 -26.70
C ALA B 197 11.31 13.99 -27.88
N ASP B 198 10.40 13.16 -28.36
CA ASP B 198 10.75 12.30 -29.49
C ASP B 198 11.18 13.13 -30.70
N GLU B 199 10.59 14.31 -30.87
CA GLU B 199 10.95 15.17 -31.99
C GLU B 199 12.38 15.68 -31.90
N LEU B 200 12.94 15.70 -30.69
CA LEU B 200 14.31 16.17 -30.52
C LEU B 200 15.27 15.16 -31.14
N LEU B 201 14.78 13.96 -31.42
CA LEU B 201 15.61 12.94 -32.04
C LEU B 201 15.96 13.40 -33.46
N ASN B 202 15.10 14.23 -34.04
CA ASN B 202 15.33 14.76 -35.39
C ASN B 202 16.54 15.67 -35.46
N LYS B 203 17.02 16.12 -34.31
CA LYS B 203 18.18 17.00 -34.26
C LYS B 203 19.46 16.18 -34.23
N GLY B 204 19.32 14.86 -34.15
CA GLY B 204 20.49 14.01 -34.13
C GLY B 204 20.96 13.72 -35.55
N ASN B 205 22.04 12.96 -35.67
CA ASN B 205 22.58 12.59 -36.98
C ASN B 205 21.94 11.26 -37.39
N SER B 206 21.17 11.29 -38.48
CA SER B 206 20.46 10.12 -38.97
C SER B 206 21.34 8.95 -39.37
N ASN B 207 22.65 9.16 -39.45
CA ASN B 207 23.57 8.09 -39.81
C ASN B 207 24.25 7.49 -38.58
N ASN B 208 24.10 8.15 -37.43
CA ASN B 208 24.72 7.68 -36.20
C ASN B 208 23.74 7.26 -35.12
N LEU B 209 22.49 7.69 -35.24
CA LEU B 209 21.49 7.38 -34.23
C LEU B 209 20.51 6.28 -34.63
N ARG B 210 20.28 5.36 -33.70
CA ARG B 210 19.34 4.26 -33.91
C ARG B 210 18.43 4.18 -32.70
N VAL B 211 17.14 4.00 -32.96
CA VAL B 211 16.17 3.91 -31.89
C VAL B 211 15.46 2.58 -31.93
N GLY B 212 15.39 1.91 -30.79
CA GLY B 212 14.69 0.64 -30.73
C GLY B 212 13.48 0.79 -29.83
N VAL B 213 12.31 0.42 -30.33
CA VAL B 213 11.10 0.50 -29.54
C VAL B 213 10.68 -0.92 -29.17
N HIS B 214 9.79 -1.05 -28.19
CA HIS B 214 9.35 -2.35 -27.71
C HIS B 214 10.59 -3.12 -27.26
N ALA B 215 11.52 -2.37 -26.66
CA ALA B 215 12.77 -2.92 -26.15
C ALA B 215 12.82 -2.77 -24.64
N SER B 216 12.58 -3.88 -23.95
CA SER B 216 12.58 -3.89 -22.49
C SER B 216 13.98 -4.18 -21.94
N VAL B 217 14.64 -3.15 -21.40
CA VAL B 217 15.98 -3.33 -20.85
C VAL B 217 15.86 -3.95 -19.46
N GLU B 218 16.41 -5.16 -19.33
CA GLU B 218 16.32 -5.91 -18.08
C GLU B 218 17.49 -5.77 -17.14
N LYS B 219 18.68 -5.49 -17.68
CA LYS B 219 19.82 -5.32 -16.81
C LYS B 219 21.06 -4.78 -17.48
N ILE B 220 21.89 -4.14 -16.67
CA ILE B 220 23.16 -3.58 -17.12
C ILE B 220 24.22 -4.65 -16.94
N ILE B 221 25.09 -4.79 -17.93
CA ILE B 221 26.17 -5.78 -17.90
C ILE B 221 27.44 -5.09 -17.42
N PHE B 222 28.19 -5.77 -16.55
CA PHE B 222 29.44 -5.22 -16.03
C PHE B 222 30.65 -6.12 -16.24
N SER B 223 31.82 -5.52 -16.05
CA SER B 223 33.09 -6.24 -16.18
C SER B 223 34.16 -5.45 -15.43
N ASN B 224 35.35 -6.03 -15.33
CA ASN B 224 36.48 -5.38 -14.68
C ASN B 224 37.58 -5.28 -15.71
N ALA B 225 37.64 -4.14 -16.41
CA ALA B 225 38.64 -3.95 -17.45
C ALA B 225 39.42 -2.64 -17.33
N PRO B 226 40.22 -2.49 -16.26
CA PRO B 226 40.42 -3.47 -15.19
C PRO B 226 39.48 -3.21 -14.01
N GLY B 227 39.00 -1.97 -13.91
CA GLY B 227 38.09 -1.61 -12.83
C GLY B 227 36.64 -1.87 -13.21
N LEU B 228 35.76 -1.85 -12.21
CA LEU B 228 34.34 -2.07 -12.42
C LEU B 228 33.80 -1.06 -13.44
N THR B 229 33.19 -1.58 -14.50
CA THR B 229 32.67 -0.72 -15.57
C THR B 229 31.47 -1.35 -16.25
N ALA B 230 30.53 -0.50 -16.67
CA ALA B 230 29.35 -0.99 -17.38
C ALA B 230 29.81 -1.26 -18.81
N THR B 231 29.45 -2.41 -19.37
CA THR B 231 29.87 -2.74 -20.72
C THR B 231 28.73 -2.78 -21.71
N GLY B 232 27.50 -2.76 -21.21
CA GLY B 232 26.35 -2.80 -22.10
C GLY B 232 25.09 -3.17 -21.35
N VAL B 233 24.06 -3.60 -22.07
CA VAL B 233 22.81 -3.98 -21.45
C VAL B 233 22.16 -5.14 -22.18
N ILE B 234 21.24 -5.80 -21.48
CA ILE B 234 20.48 -6.89 -22.05
C ILE B 234 19.05 -6.36 -22.17
N TYR B 235 18.46 -6.50 -23.34
CA TYR B 235 17.08 -6.06 -23.52
C TYR B 235 16.30 -7.18 -24.20
N ARG B 236 15.00 -7.21 -23.99
CA ARG B 236 14.17 -8.26 -24.56
C ARG B 236 13.14 -7.69 -25.53
N ASP B 237 12.88 -8.39 -26.63
CA ASP B 237 11.91 -7.92 -27.60
C ASP B 237 10.54 -8.56 -27.37
N SER B 238 9.56 -8.17 -28.18
CA SER B 238 8.20 -8.68 -28.04
C SER B 238 8.06 -10.18 -28.23
N ASN B 239 9.04 -10.82 -28.84
CA ASN B 239 8.99 -12.26 -29.06
C ASN B 239 9.61 -13.00 -27.89
N GLY B 240 10.14 -12.23 -26.94
CA GLY B 240 10.77 -12.81 -25.76
C GLY B 240 12.24 -13.11 -25.98
N THR B 241 12.75 -12.72 -27.14
CA THR B 241 14.15 -12.97 -27.48
C THR B 241 15.07 -11.91 -26.87
N PRO B 242 16.12 -12.34 -26.16
CA PRO B 242 17.04 -11.37 -25.56
C PRO B 242 18.14 -10.91 -26.51
N HIS B 243 18.46 -9.63 -26.45
CA HIS B 243 19.50 -9.04 -27.27
C HIS B 243 20.50 -8.38 -26.34
N GLN B 244 21.68 -8.07 -26.87
CA GLN B 244 22.71 -7.40 -26.09
C GLN B 244 23.25 -6.23 -26.90
N ALA B 245 23.48 -5.11 -26.22
CA ALA B 245 24.03 -3.93 -26.85
C ALA B 245 25.22 -3.52 -25.99
N PHE B 246 26.40 -3.52 -26.58
CA PHE B 246 27.61 -3.16 -25.86
C PHE B 246 28.16 -1.80 -26.30
N VAL B 247 28.95 -1.19 -25.43
CA VAL B 247 29.58 0.09 -25.74
C VAL B 247 31.08 -0.13 -25.94
N ARG B 248 31.67 0.63 -26.84
CA ARG B 248 33.10 0.50 -27.11
C ARG B 248 33.94 1.39 -26.21
N SER B 249 35.26 1.31 -26.37
CA SER B 249 36.18 2.11 -25.57
C SER B 249 35.77 3.57 -25.45
N LYS B 250 35.83 4.09 -24.22
CA LYS B 250 35.50 5.47 -23.90
C LYS B 250 33.99 5.75 -23.96
N GLY B 251 33.23 4.75 -24.40
CA GLY B 251 31.79 4.90 -24.50
C GLY B 251 31.12 4.67 -23.16
N GLU B 252 29.80 4.88 -23.11
CA GLU B 252 29.09 4.72 -21.85
C GLU B 252 27.63 4.30 -21.98
N VAL B 253 27.14 3.68 -20.92
CA VAL B 253 25.75 3.28 -20.84
C VAL B 253 25.14 4.41 -20.00
N ILE B 254 24.06 5.00 -20.48
CA ILE B 254 23.42 6.07 -19.74
C ILE B 254 21.98 5.66 -19.50
N VAL B 255 21.58 5.67 -18.23
CA VAL B 255 20.23 5.28 -17.86
C VAL B 255 19.35 6.52 -17.73
N SER B 256 18.29 6.55 -18.53
CA SER B 256 17.34 7.67 -18.55
C SER B 256 15.94 7.08 -18.49
N ALA B 257 15.78 6.06 -17.66
CA ALA B 257 14.51 5.34 -17.52
C ALA B 257 13.51 5.99 -16.58
N GLY B 258 13.82 7.20 -16.13
CA GLY B 258 12.91 7.91 -15.25
C GLY B 258 13.04 7.62 -13.77
N THR B 259 12.33 8.43 -12.98
CA THR B 259 12.33 8.33 -11.53
C THR B 259 12.01 6.93 -11.04
N ILE B 260 11.08 6.26 -11.72
CA ILE B 260 10.69 4.91 -11.34
C ILE B 260 11.57 3.87 -12.01
N GLY B 261 11.78 4.03 -13.31
CA GLY B 261 12.56 3.06 -14.06
C GLY B 261 14.06 2.95 -13.80
N THR B 262 14.72 4.07 -13.53
CA THR B 262 16.15 4.03 -13.30
C THR B 262 16.57 3.29 -12.04
N PRO B 263 15.97 3.64 -10.89
CA PRO B 263 16.35 2.92 -9.67
C PRO B 263 16.02 1.43 -9.78
N GLN B 264 14.91 1.13 -10.45
CA GLN B 264 14.50 -0.26 -10.63
C GLN B 264 15.57 -1.04 -11.40
N LEU B 265 16.04 -0.46 -12.49
CA LEU B 265 17.06 -1.12 -13.31
C LEU B 265 18.37 -1.28 -12.55
N LEU B 266 18.75 -0.27 -11.78
CA LEU B 266 19.99 -0.35 -11.03
C LEU B 266 19.92 -1.49 -10.01
N LEU B 267 18.80 -1.58 -9.29
CA LEU B 267 18.62 -2.63 -8.30
C LEU B 267 18.65 -4.02 -8.95
N LEU B 268 17.92 -4.17 -10.06
CA LEU B 268 17.88 -5.45 -10.76
C LEU B 268 19.26 -5.84 -11.29
N SER B 269 20.12 -4.84 -11.48
CA SER B 269 21.46 -5.07 -12.00
C SER B 269 22.52 -5.25 -10.90
N GLY B 270 22.09 -5.24 -9.65
CA GLY B 270 23.04 -5.43 -8.57
C GLY B 270 23.70 -4.19 -8.00
N VAL B 271 23.15 -3.02 -8.30
CA VAL B 271 23.69 -1.77 -7.79
C VAL B 271 22.66 -1.19 -6.83
N GLY B 272 22.91 -1.35 -5.54
CA GLY B 272 22.00 -0.85 -4.53
C GLY B 272 22.42 -1.30 -3.14
N PRO B 273 21.54 -1.17 -2.13
CA PRO B 273 21.86 -1.57 -0.76
C PRO B 273 22.23 -3.04 -0.66
N GLU B 274 23.43 -3.30 -0.16
CA GLU B 274 23.96 -4.65 0.00
C GLU B 274 23.00 -5.64 0.66
N SER B 275 22.51 -5.30 1.85
CA SER B 275 21.62 -6.19 2.57
C SER B 275 20.31 -6.43 1.84
N TYR B 276 19.79 -5.40 1.19
CA TYR B 276 18.54 -5.52 0.45
C TYR B 276 18.71 -6.46 -0.75
N LEU B 277 19.74 -6.20 -1.55
CA LEU B 277 19.99 -7.04 -2.72
C LEU B 277 20.23 -8.49 -2.29
N SER B 278 21.02 -8.66 -1.23
CA SER B 278 21.33 -9.99 -0.71
C SER B 278 20.07 -10.73 -0.29
N SER B 279 19.15 -10.03 0.37
CA SER B 279 17.92 -10.65 0.83
C SER B 279 17.10 -11.21 -0.31
N LEU B 280 17.28 -10.66 -1.51
CA LEU B 280 16.54 -11.13 -2.69
C LEU B 280 17.39 -12.02 -3.59
N ASN B 281 18.60 -12.33 -3.14
CA ASN B 281 19.50 -13.17 -3.90
C ASN B 281 19.97 -12.53 -5.19
N ILE B 282 19.98 -11.21 -5.22
CA ILE B 282 20.47 -10.48 -6.39
C ILE B 282 21.95 -10.23 -6.15
N PRO B 283 22.83 -10.78 -7.01
CA PRO B 283 24.27 -10.60 -6.83
C PRO B 283 24.63 -9.12 -6.74
N VAL B 284 25.43 -8.78 -5.74
CA VAL B 284 25.84 -7.39 -5.55
C VAL B 284 27.04 -7.01 -6.41
N VAL B 285 26.82 -6.06 -7.32
CA VAL B 285 27.90 -5.58 -8.19
C VAL B 285 28.63 -4.50 -7.41
N LEU B 286 27.86 -3.62 -6.79
CA LEU B 286 28.43 -2.55 -5.99
C LEU B 286 27.41 -2.09 -4.96
N SER B 287 27.82 -2.09 -3.69
CA SER B 287 26.94 -1.64 -2.62
C SER B 287 26.73 -0.14 -2.81
N HIS B 288 25.47 0.25 -2.99
CA HIS B 288 25.10 1.64 -3.20
C HIS B 288 23.85 1.88 -2.36
N PRO B 289 24.04 2.26 -1.08
CA PRO B 289 22.97 2.53 -0.11
C PRO B 289 21.81 3.40 -0.53
N TYR B 290 22.07 4.39 -1.39
CA TYR B 290 21.01 5.31 -1.75
C TYR B 290 20.20 5.10 -3.03
N VAL B 291 20.45 3.99 -3.72
CA VAL B 291 19.68 3.71 -4.94
C VAL B 291 18.24 3.42 -4.51
N GLY B 292 17.30 4.17 -5.08
CA GLY B 292 15.90 3.98 -4.72
C GLY B 292 15.49 4.78 -3.50
N GLN B 293 16.41 5.55 -2.94
CA GLN B 293 16.10 6.36 -1.76
C GLN B 293 15.84 7.80 -2.17
N PHE B 294 15.14 8.53 -1.30
CA PHE B 294 14.83 9.93 -1.55
C PHE B 294 13.92 10.14 -2.75
N LEU B 295 12.79 9.43 -2.75
CA LEU B 295 11.80 9.55 -3.82
C LEU B 295 10.80 10.61 -3.36
N HIS B 296 10.67 11.68 -4.15
CA HIS B 296 9.78 12.78 -3.80
C HIS B 296 8.62 12.95 -4.78
N ASP B 297 7.44 13.27 -4.27
CA ASP B 297 6.29 13.54 -5.13
C ASP B 297 5.53 14.74 -4.57
N ASN B 298 5.57 15.86 -5.29
CA ASN B 298 4.87 17.06 -4.84
C ASN B 298 3.38 16.82 -4.76
N PRO B 299 2.78 17.10 -3.60
CA PRO B 299 1.34 16.87 -3.50
C PRO B 299 0.53 17.90 -4.29
N ARG B 300 -0.64 17.47 -4.76
CA ARG B 300 -1.54 18.34 -5.48
C ARG B 300 -2.84 18.38 -4.68
N ASN B 301 -3.31 19.58 -4.39
CA ASN B 301 -4.60 19.73 -3.71
C ASN B 301 -5.38 20.63 -4.65
N PHE B 302 -6.70 20.49 -4.64
CA PHE B 302 -7.48 21.22 -5.61
C PHE B 302 -8.93 21.44 -5.25
N ILE B 303 -9.60 22.21 -6.09
CA ILE B 303 -11.02 22.49 -5.96
C ILE B 303 -11.60 22.45 -7.37
N ASN B 304 -12.66 21.66 -7.55
CA ASN B 304 -13.33 21.54 -8.84
C ASN B 304 -14.64 22.33 -8.79
N ILE B 305 -14.84 23.24 -9.74
CA ILE B 305 -16.09 23.99 -9.77
C ILE B 305 -16.83 23.65 -11.05
N LEU B 306 -18.15 23.61 -10.96
CA LEU B 306 -19.02 23.32 -12.09
C LEU B 306 -19.83 24.59 -12.35
N PRO B 307 -19.39 25.42 -13.31
CA PRO B 307 -20.06 26.67 -13.67
C PRO B 307 -21.48 26.45 -14.19
N PRO B 308 -22.38 27.42 -13.91
CA PRO B 308 -23.77 27.32 -14.36
C PRO B 308 -23.89 27.39 -15.88
N ASN B 309 -22.93 28.07 -16.50
CA ASN B 309 -22.89 28.20 -17.95
C ASN B 309 -21.62 27.48 -18.42
N PRO B 310 -21.68 26.83 -19.59
CA PRO B 310 -20.52 26.11 -20.12
C PRO B 310 -19.26 26.95 -20.32
N ILE B 311 -18.11 26.38 -19.97
CA ILE B 311 -16.84 27.04 -20.20
C ILE B 311 -16.12 26.15 -21.19
N GLU B 312 -15.24 26.73 -21.99
CA GLU B 312 -14.53 25.95 -22.99
C GLU B 312 -13.27 25.28 -22.48
N PRO B 313 -12.95 24.09 -23.01
CA PRO B 313 -11.75 23.34 -22.61
C PRO B 313 -10.52 24.15 -22.99
N THR B 314 -9.49 24.09 -22.16
CA THR B 314 -8.27 24.83 -22.43
C THR B 314 -7.04 24.04 -22.00
N ILE B 315 -5.89 24.46 -22.51
CA ILE B 315 -4.64 23.85 -22.11
C ILE B 315 -4.12 24.84 -21.08
N VAL B 316 -3.46 24.34 -20.04
CA VAL B 316 -2.93 25.20 -19.00
C VAL B 316 -1.80 26.09 -19.51
N THR B 317 -1.94 27.40 -19.33
CA THR B 317 -0.90 28.34 -19.75
C THR B 317 -0.64 29.42 -18.71
N VAL B 318 -1.63 29.72 -17.89
CA VAL B 318 -1.50 30.75 -16.86
C VAL B 318 -1.07 30.14 -15.53
N LEU B 319 0.05 30.62 -15.01
CA LEU B 319 0.58 30.11 -13.75
C LEU B 319 0.64 31.19 -12.69
N GLY B 320 0.20 30.82 -11.48
CA GLY B 320 0.23 31.72 -10.34
C GLY B 320 1.28 31.14 -9.42
N ILE B 321 2.47 31.73 -9.44
CA ILE B 321 3.59 31.23 -8.65
C ILE B 321 3.88 31.94 -7.34
N SER B 322 3.88 31.16 -6.26
CA SER B 322 4.23 31.69 -4.95
C SER B 322 5.52 30.96 -4.58
N ASN B 323 6.20 31.41 -3.53
CA ASN B 323 7.45 30.77 -3.12
C ASN B 323 7.26 29.35 -2.60
N ASP B 324 6.16 29.11 -1.91
CA ASP B 324 5.91 27.79 -1.32
C ASP B 324 4.93 26.88 -2.06
N PHE B 325 4.23 27.43 -3.05
CA PHE B 325 3.27 26.64 -3.82
C PHE B 325 3.04 27.26 -5.20
N TYR B 326 2.68 26.41 -6.15
CA TYR B 326 2.47 26.85 -7.53
C TYR B 326 1.05 26.46 -7.93
N GLN B 327 0.35 27.38 -8.58
CA GLN B 327 -1.04 27.12 -8.95
C GLN B 327 -1.44 27.40 -10.38
N CYS B 328 -2.54 26.77 -10.81
CA CYS B 328 -3.06 26.94 -12.15
C CYS B 328 -4.49 26.41 -12.21
N SER B 329 -5.14 26.57 -13.35
CA SER B 329 -6.50 26.08 -13.51
C SER B 329 -6.67 25.42 -14.86
N PHE B 330 -7.22 24.22 -14.84
CA PHE B 330 -7.45 23.42 -16.04
C PHE B 330 -8.96 23.35 -16.27
N SER B 331 -9.41 23.68 -17.48
CA SER B 331 -10.83 23.59 -17.79
C SER B 331 -10.98 22.41 -18.75
N SER B 332 -12.05 21.64 -18.57
CA SER B 332 -12.24 20.47 -19.41
C SER B 332 -13.69 20.06 -19.60
N LEU B 333 -13.90 19.20 -20.59
CA LEU B 333 -15.22 18.67 -20.86
C LEU B 333 -15.46 17.63 -19.77
N PRO B 334 -16.72 17.24 -19.55
CA PRO B 334 -17.00 16.24 -18.51
C PRO B 334 -16.27 14.92 -18.77
N PHE B 335 -16.08 14.14 -17.71
CA PHE B 335 -15.40 12.85 -17.79
C PHE B 335 -16.42 11.72 -17.92
N THR B 336 -16.38 10.99 -19.03
CA THR B 336 -17.29 9.87 -19.25
C THR B 336 -16.87 8.72 -18.34
N THR B 337 -15.56 8.49 -18.28
CA THR B 337 -14.97 7.45 -17.45
C THR B 337 -13.84 8.12 -16.69
N PRO B 338 -13.34 7.48 -15.62
CA PRO B 338 -12.26 8.07 -14.83
C PRO B 338 -10.87 8.13 -15.49
N PRO B 339 -10.26 9.34 -15.53
CA PRO B 339 -8.92 9.46 -16.11
C PRO B 339 -8.01 9.05 -14.96
N PHE B 340 -7.36 7.89 -15.06
CA PHE B 340 -6.54 7.42 -13.94
C PHE B 340 -5.47 8.42 -13.51
N GLY B 341 -5.41 8.65 -12.20
CA GLY B 341 -4.44 9.57 -11.66
C GLY B 341 -4.92 11.00 -11.53
N PHE B 342 -5.97 11.37 -12.24
CA PHE B 342 -6.47 12.74 -12.16
C PHE B 342 -7.00 12.99 -10.75
N PHE B 343 -7.86 12.08 -10.30
CA PHE B 343 -8.39 12.14 -8.96
C PHE B 343 -7.60 11.02 -8.25
N PRO B 344 -7.31 11.19 -6.95
CA PRO B 344 -6.54 10.20 -6.18
C PRO B 344 -7.02 8.78 -6.02
N SER B 345 -8.33 8.56 -6.19
CA SER B 345 -8.93 7.23 -6.05
C SER B 345 -9.91 7.00 -7.19
N SER B 346 -10.24 5.74 -7.45
CA SER B 346 -11.18 5.41 -8.52
C SER B 346 -12.63 5.60 -8.07
N SER B 347 -12.82 5.86 -6.77
CA SER B 347 -14.15 6.05 -6.20
C SER B 347 -14.69 7.48 -6.31
N TYR B 348 -13.90 8.36 -6.90
CA TYR B 348 -14.24 9.77 -7.03
C TYR B 348 -15.42 10.09 -7.98
N PRO B 349 -16.30 11.02 -7.58
CA PRO B 349 -17.45 11.39 -8.41
C PRO B 349 -16.97 12.14 -9.66
N LEU B 350 -17.45 11.72 -10.84
CA LEU B 350 -17.03 12.35 -12.09
C LEU B 350 -17.85 13.57 -12.49
N PRO B 351 -17.21 14.57 -13.10
CA PRO B 351 -17.93 15.76 -13.53
C PRO B 351 -18.77 15.44 -14.77
N ASN B 352 -20.05 15.77 -14.74
CA ASN B 352 -20.90 15.48 -15.90
C ASN B 352 -21.21 16.70 -16.77
N SER B 353 -20.49 17.79 -16.50
CA SER B 353 -20.64 19.02 -17.26
C SER B 353 -19.24 19.63 -17.33
N THR B 354 -19.07 20.70 -18.08
CA THR B 354 -17.74 21.32 -18.15
C THR B 354 -17.37 21.81 -16.76
N PHE B 355 -16.09 21.72 -16.42
CA PHE B 355 -15.63 22.13 -15.10
C PHE B 355 -14.23 22.73 -15.11
N ALA B 356 -13.87 23.38 -14.01
CA ALA B 356 -12.57 23.98 -13.85
C ALA B 356 -11.92 23.33 -12.64
N HIS B 357 -10.65 22.97 -12.81
CA HIS B 357 -9.86 22.30 -11.79
C HIS B 357 -8.78 23.26 -11.30
N PHE B 358 -8.97 23.87 -10.14
CA PHE B 358 -7.96 24.78 -9.60
C PHE B 358 -7.00 23.91 -8.78
N ALA B 359 -5.76 23.83 -9.21
CA ALA B 359 -4.77 22.99 -8.55
C ALA B 359 -3.64 23.76 -7.90
N SER B 360 -3.15 23.22 -6.80
CA SER B 360 -2.06 23.82 -6.05
C SER B 360 -0.98 22.76 -5.79
N LYS B 361 0.25 23.07 -6.18
CA LYS B 361 1.38 22.17 -6.01
C LYS B 361 2.33 22.71 -4.94
N VAL B 362 2.59 21.92 -3.91
CA VAL B 362 3.50 22.35 -2.86
C VAL B 362 4.94 22.27 -3.37
N ALA B 363 5.73 23.30 -3.07
CA ALA B 363 7.12 23.35 -3.50
C ALA B 363 7.95 22.25 -2.83
N GLY B 364 9.05 21.87 -3.47
CA GLY B 364 9.90 20.84 -2.91
C GLY B 364 9.66 19.48 -3.55
N PRO B 365 9.03 18.54 -2.83
CA PRO B 365 8.54 18.69 -1.45
C PRO B 365 9.63 18.23 -0.48
N LEU B 366 9.48 18.57 0.80
CA LEU B 366 10.47 18.17 1.79
C LEU B 366 10.29 16.71 2.17
N SER B 367 9.05 16.23 2.10
CA SER B 367 8.74 14.83 2.42
C SER B 367 9.24 13.92 1.32
N TYR B 368 9.62 12.70 1.69
CA TYR B 368 10.11 11.74 0.71
C TYR B 368 9.94 10.31 1.19
N GLY B 369 10.03 9.38 0.24
CA GLY B 369 9.91 7.98 0.55
C GLY B 369 10.98 7.20 -0.20
N SER B 370 10.66 5.96 -0.55
CA SER B 370 11.62 5.14 -1.26
C SER B 370 10.98 4.20 -2.26
N LEU B 371 11.82 3.60 -3.09
CA LEU B 371 11.38 2.65 -4.09
C LEU B 371 12.02 1.30 -3.81
N THR B 372 11.23 0.24 -3.95
CA THR B 372 11.71 -1.12 -3.74
C THR B 372 11.11 -1.98 -4.85
N LEU B 373 11.72 -3.13 -5.11
CA LEU B 373 11.23 -4.02 -6.16
C LEU B 373 10.03 -4.84 -5.71
N LYS B 374 9.12 -5.10 -6.64
CA LYS B 374 7.96 -5.93 -6.34
C LYS B 374 8.32 -7.31 -6.90
N SER B 375 9.17 -7.30 -7.93
CA SER B 375 9.67 -8.52 -8.54
C SER B 375 11.20 -8.44 -8.54
N SER B 376 11.85 -9.50 -8.08
CA SER B 376 13.31 -9.51 -8.04
C SER B 376 13.95 -9.87 -9.38
N SER B 377 13.12 -10.11 -10.39
CA SER B 377 13.65 -10.50 -11.69
C SER B 377 12.94 -9.93 -12.93
N ASN B 378 11.68 -9.53 -12.78
CA ASN B 378 10.92 -9.02 -13.91
C ASN B 378 10.83 -7.49 -13.93
N VAL B 379 11.54 -6.87 -14.87
CA VAL B 379 11.55 -5.43 -15.00
C VAL B 379 10.19 -4.86 -15.44
N ARG B 380 9.31 -5.72 -15.96
CA ARG B 380 8.00 -5.29 -16.42
C ARG B 380 6.99 -5.16 -15.27
N VAL B 381 7.38 -5.62 -14.08
CA VAL B 381 6.52 -5.52 -12.90
C VAL B 381 6.87 -4.20 -12.22
N SER B 382 5.86 -3.35 -12.06
CA SER B 382 6.06 -2.05 -11.45
C SER B 382 6.62 -2.13 -10.06
N PRO B 383 7.62 -1.28 -9.75
CA PRO B 383 8.22 -1.28 -8.43
C PRO B 383 7.23 -0.70 -7.43
N ASN B 384 7.50 -0.93 -6.15
CA ASN B 384 6.69 -0.39 -5.09
C ASN B 384 7.30 0.96 -4.74
N VAL B 385 6.46 1.98 -4.58
CA VAL B 385 6.94 3.29 -4.24
C VAL B 385 6.07 3.97 -3.19
N LYS B 386 6.71 4.67 -2.26
CA LYS B 386 5.98 5.38 -1.22
C LYS B 386 6.56 6.79 -1.17
N PHE B 387 5.69 7.80 -1.09
CA PHE B 387 6.15 9.19 -1.06
C PHE B 387 6.01 9.88 0.29
N ASN B 388 5.23 9.28 1.18
CA ASN B 388 5.02 9.85 2.52
C ASN B 388 4.53 11.29 2.50
N TYR B 389 3.47 11.54 1.75
CA TYR B 389 2.91 12.88 1.66
C TYR B 389 2.67 13.47 3.04
N TYR B 390 3.09 14.72 3.21
CA TYR B 390 2.91 15.46 4.45
C TYR B 390 3.59 14.92 5.70
N SER B 391 4.57 14.04 5.51
CA SER B 391 5.32 13.50 6.65
C SER B 391 6.13 14.65 7.24
N ASN B 392 6.53 15.58 6.38
CA ASN B 392 7.25 16.76 6.84
C ASN B 392 6.20 17.85 6.97
N LEU B 393 5.98 18.31 8.20
CA LEU B 393 4.95 19.30 8.47
C LEU B 393 5.10 20.65 7.74
N THR B 394 6.30 20.96 7.27
CA THR B 394 6.48 22.21 6.54
C THR B 394 5.72 22.11 5.22
N ASP B 395 5.67 20.91 4.65
CA ASP B 395 4.92 20.72 3.41
C ASP B 395 3.44 21.00 3.68
N LEU B 396 2.94 20.53 4.82
CA LEU B 396 1.54 20.73 5.18
C LEU B 396 1.22 22.21 5.37
N SER B 397 2.14 22.93 6.01
CA SER B 397 1.92 24.36 6.22
C SER B 397 1.80 25.03 4.86
N HIS B 398 2.61 24.60 3.90
CA HIS B 398 2.57 25.18 2.57
C HIS B 398 1.28 24.81 1.84
N CYS B 399 0.75 23.61 2.07
CA CYS B 399 -0.50 23.22 1.43
C CYS B 399 -1.61 24.11 1.95
N VAL B 400 -1.60 24.35 3.26
CA VAL B 400 -2.62 25.17 3.88
C VAL B 400 -2.60 26.57 3.28
N SER B 401 -1.41 27.16 3.21
CA SER B 401 -1.27 28.50 2.63
C SER B 401 -1.76 28.49 1.18
N GLY B 402 -1.40 27.43 0.46
CA GLY B 402 -1.79 27.31 -0.93
C GLY B 402 -3.30 27.21 -1.10
N MET B 403 -3.96 26.40 -0.28
CA MET B 403 -5.40 26.27 -0.42
C MET B 403 -6.14 27.53 0.04
N LYS B 404 -5.52 28.29 0.94
CA LYS B 404 -6.13 29.55 1.38
C LYS B 404 -6.07 30.51 0.19
N LYS B 405 -5.00 30.41 -0.60
CA LYS B 405 -4.87 31.27 -1.77
C LYS B 405 -5.95 30.89 -2.78
N ILE B 406 -6.23 29.60 -2.90
CA ILE B 406 -7.29 29.15 -3.80
C ILE B 406 -8.61 29.75 -3.28
N GLY B 407 -8.76 29.77 -1.96
CA GLY B 407 -9.96 30.35 -1.37
C GLY B 407 -10.09 31.80 -1.79
N GLU B 408 -8.97 32.51 -1.87
CA GLU B 408 -8.97 33.90 -2.30
C GLU B 408 -9.44 33.99 -3.74
N LEU B 409 -8.93 33.11 -4.59
CA LEU B 409 -9.33 33.11 -5.99
C LEU B 409 -10.84 32.92 -6.10
N LEU B 410 -11.38 31.99 -5.33
CA LEU B 410 -12.81 31.71 -5.35
C LEU B 410 -13.66 32.87 -4.84
N SER B 411 -13.02 33.81 -4.13
CA SER B 411 -13.74 34.95 -3.58
C SER B 411 -13.59 36.22 -4.42
N THR B 412 -12.88 36.12 -5.53
CA THR B 412 -12.66 37.28 -6.40
C THR B 412 -13.86 37.65 -7.25
N ASP B 413 -13.88 38.90 -7.72
CA ASP B 413 -14.95 39.36 -8.59
C ASP B 413 -14.86 38.53 -9.86
N ALA B 414 -13.63 38.21 -10.25
CA ALA B 414 -13.36 37.45 -11.47
C ALA B 414 -14.09 36.11 -11.53
N LEU B 415 -14.20 35.42 -10.41
CA LEU B 415 -14.87 34.12 -10.42
C LEU B 415 -16.34 34.17 -9.98
N LYS B 416 -16.80 35.34 -9.56
CA LYS B 416 -18.19 35.49 -9.13
C LYS B 416 -19.20 34.96 -10.15
N PRO B 417 -18.99 35.27 -11.45
CA PRO B 417 -19.92 34.82 -12.49
C PRO B 417 -20.02 33.30 -12.61
N TYR B 418 -19.07 32.58 -12.03
CA TYR B 418 -19.08 31.13 -12.12
C TYR B 418 -19.69 30.40 -10.94
N LYS B 419 -20.25 31.17 -10.01
CA LYS B 419 -20.93 30.59 -8.85
C LYS B 419 -22.35 30.28 -9.32
N VAL B 420 -23.00 29.34 -8.67
CA VAL B 420 -24.38 29.01 -9.04
C VAL B 420 -25.33 29.84 -8.18
N GLU B 421 -24.78 30.40 -7.11
CA GLU B 421 -25.56 31.24 -6.20
C GLU B 421 -24.65 32.31 -5.59
N ASP B 422 -25.16 33.54 -5.49
CA ASP B 422 -24.40 34.65 -4.95
C ASP B 422 -24.30 34.59 -3.42
N LEU B 423 -23.38 33.77 -2.93
CA LEU B 423 -23.17 33.61 -1.49
C LEU B 423 -21.84 34.24 -1.08
N PRO B 424 -21.68 34.59 0.20
CA PRO B 424 -20.44 35.20 0.70
C PRO B 424 -19.23 34.28 0.72
N GLY B 425 -18.05 34.90 0.74
CA GLY B 425 -16.80 34.14 0.76
C GLY B 425 -16.60 33.18 -0.39
N VAL B 426 -16.21 31.95 -0.06
CA VAL B 426 -15.96 30.91 -1.05
C VAL B 426 -17.19 30.07 -1.34
N GLU B 427 -18.30 30.41 -0.70
CA GLU B 427 -19.55 29.68 -0.89
C GLU B 427 -20.32 30.13 -2.13
N GLY B 428 -21.17 29.24 -2.65
CA GLY B 428 -21.95 29.58 -3.82
C GLY B 428 -21.60 28.79 -5.07
N PHE B 429 -20.50 28.05 -5.04
CA PHE B 429 -20.11 27.26 -6.20
C PHE B 429 -20.68 25.86 -6.13
N ASN B 430 -20.86 25.25 -7.30
CA ASN B 430 -21.32 23.86 -7.38
C ASN B 430 -19.98 23.13 -7.37
N ILE B 431 -19.61 22.62 -6.20
CA ILE B 431 -18.34 21.92 -6.03
C ILE B 431 -18.41 20.42 -6.27
N LEU B 432 -17.46 19.91 -7.04
CA LEU B 432 -17.37 18.49 -7.30
C LEU B 432 -16.26 17.98 -6.40
N GLY B 433 -16.59 17.08 -5.48
CA GLY B 433 -15.57 16.55 -4.58
C GLY B 433 -15.55 17.29 -3.26
N ILE B 434 -14.44 17.18 -2.53
CA ILE B 434 -14.30 17.82 -1.22
C ILE B 434 -14.14 19.33 -1.31
N PRO B 435 -15.05 20.09 -0.69
CA PRO B 435 -14.99 21.56 -0.71
C PRO B 435 -14.01 22.13 0.32
N LEU B 436 -13.62 23.39 0.15
CA LEU B 436 -12.74 24.02 1.12
C LEU B 436 -13.52 24.31 2.38
N PRO B 437 -12.83 24.47 3.51
CA PRO B 437 -13.55 24.77 4.75
C PRO B 437 -14.14 26.16 4.49
N LYS B 438 -15.34 26.44 5.01
CA LYS B 438 -15.97 27.74 4.81
C LYS B 438 -15.13 28.85 5.45
N ASP B 439 -14.69 28.60 6.67
CA ASP B 439 -13.88 29.54 7.45
C ASP B 439 -12.44 29.57 6.93
N GLN B 440 -12.07 30.64 6.25
CA GLN B 440 -10.74 30.76 5.68
C GLN B 440 -9.63 30.98 6.71
N THR B 441 -10.01 31.07 7.99
CA THR B 441 -9.03 31.27 9.05
C THR B 441 -8.90 30.03 9.95
N ASP B 442 -9.61 28.97 9.60
CA ASP B 442 -9.57 27.73 10.39
C ASP B 442 -8.45 26.81 9.88
N ASP B 443 -7.25 27.04 10.39
CA ASP B 443 -6.07 26.27 10.00
C ASP B 443 -6.21 24.76 10.19
N ALA B 444 -6.77 24.34 11.32
CA ALA B 444 -6.93 22.92 11.58
C ALA B 444 -7.82 22.27 10.53
N ALA B 445 -8.86 22.97 10.09
CA ALA B 445 -9.76 22.44 9.08
C ALA B 445 -9.03 22.32 7.74
N PHE B 446 -8.16 23.29 7.45
CA PHE B 446 -7.41 23.25 6.20
C PHE B 446 -6.40 22.11 6.23
N GLU B 447 -5.81 21.84 7.39
CA GLU B 447 -4.86 20.74 7.50
C GLU B 447 -5.56 19.42 7.19
N THR B 448 -6.77 19.25 7.74
CA THR B 448 -7.54 18.03 7.49
C THR B 448 -7.89 17.94 6.01
N PHE B 449 -8.26 19.07 5.42
CA PHE B 449 -8.60 19.11 3.99
C PHE B 449 -7.40 18.66 3.16
N CYS B 450 -6.24 19.25 3.46
CA CYS B 450 -5.01 18.92 2.75
C CYS B 450 -4.68 17.43 2.80
N ARG B 451 -4.76 16.87 4.00
CA ARG B 451 -4.45 15.45 4.17
C ARG B 451 -5.44 14.50 3.51
N GLU B 452 -6.73 14.76 3.65
CA GLU B 452 -7.72 13.83 3.09
C GLU B 452 -8.08 14.00 1.61
N SER B 453 -7.65 15.08 0.99
CA SER B 453 -8.01 15.31 -0.41
C SER B 453 -6.81 15.28 -1.35
N VAL B 454 -5.63 15.02 -0.79
CA VAL B 454 -4.40 15.01 -1.58
C VAL B 454 -4.35 14.06 -2.77
N ALA B 455 -3.66 14.50 -3.82
CA ALA B 455 -3.48 13.73 -5.03
C ALA B 455 -2.04 13.97 -5.48
N SER B 456 -1.61 13.32 -6.55
CA SER B 456 -0.25 13.54 -7.05
C SER B 456 -0.29 14.60 -8.15
N TYR B 457 0.76 15.41 -8.24
CA TYR B 457 0.84 16.41 -9.28
C TYR B 457 1.55 15.75 -10.47
N TRP B 458 1.95 14.50 -10.28
CA TRP B 458 2.63 13.69 -11.30
C TRP B 458 4.06 14.15 -11.61
N HIS B 459 4.59 15.00 -10.75
CA HIS B 459 5.95 15.52 -10.95
C HIS B 459 6.96 14.85 -10.03
N TYR B 460 6.70 13.60 -9.68
CA TYR B 460 7.61 12.87 -8.79
C TYR B 460 9.01 12.86 -9.39
N HIS B 461 10.00 12.77 -8.51
CA HIS B 461 11.40 12.79 -8.92
C HIS B 461 12.26 12.21 -7.81
N GLY B 462 13.56 12.08 -8.08
CA GLY B 462 14.49 11.54 -7.10
C GLY B 462 14.69 10.04 -7.22
N GLY B 463 15.40 9.45 -6.27
CA GLY B 463 15.65 8.02 -6.29
C GLY B 463 17.07 7.63 -6.67
N CYS B 464 17.80 8.58 -7.28
CA CYS B 464 19.18 8.34 -7.69
C CYS B 464 19.86 9.71 -7.69
N LEU B 465 19.88 10.33 -6.51
CA LEU B 465 20.41 11.67 -6.34
C LEU B 465 21.88 11.96 -6.53
N VAL B 466 22.12 13.15 -7.08
CA VAL B 466 23.47 13.65 -7.24
C VAL B 466 23.90 13.89 -5.79
N GLY B 467 25.08 13.40 -5.43
CA GLY B 467 25.55 13.58 -4.06
C GLY B 467 25.25 12.38 -3.19
N LYS B 468 24.42 11.46 -3.68
CA LYS B 468 24.09 10.26 -2.94
C LYS B 468 24.49 9.03 -3.75
N VAL B 469 24.06 8.98 -5.01
CA VAL B 469 24.38 7.88 -5.90
C VAL B 469 25.31 8.36 -7.01
N LEU B 470 25.06 9.56 -7.50
CA LEU B 470 25.83 10.13 -8.60
C LEU B 470 26.75 11.25 -8.17
N ASP B 471 27.76 11.53 -9.01
CA ASP B 471 28.66 12.64 -8.72
C ASP B 471 28.18 13.84 -9.55
N GLY B 472 28.93 14.94 -9.50
CA GLY B 472 28.56 16.15 -10.22
C GLY B 472 28.53 16.08 -11.74
N ASP B 473 28.99 14.96 -12.30
CA ASP B 473 28.99 14.78 -13.74
C ASP B 473 27.97 13.71 -14.12
N PHE B 474 27.11 13.39 -13.16
CA PHE B 474 26.04 12.39 -13.31
C PHE B 474 26.52 10.95 -13.45
N ARG B 475 27.78 10.71 -13.07
CA ARG B 475 28.32 9.36 -13.12
C ARG B 475 27.92 8.61 -11.85
N VAL B 476 27.64 7.32 -11.98
CA VAL B 476 27.32 6.50 -10.83
C VAL B 476 28.67 6.29 -10.16
N THR B 477 28.80 6.72 -8.91
CA THR B 477 30.08 6.59 -8.22
C THR B 477 30.56 5.14 -8.09
N GLY B 478 31.86 4.94 -8.28
CA GLY B 478 32.42 3.61 -8.16
C GLY B 478 32.29 2.73 -9.39
N ILE B 479 31.59 3.21 -10.41
CA ILE B 479 31.41 2.43 -11.63
C ILE B 479 31.76 3.27 -12.85
N ASN B 480 32.61 2.73 -13.72
CA ASN B 480 33.00 3.45 -14.93
C ASN B 480 32.00 3.22 -16.05
N ALA B 481 31.96 4.16 -16.97
CA ALA B 481 31.09 4.10 -18.15
C ALA B 481 29.60 3.96 -17.86
N LEU B 482 29.14 4.57 -16.77
CA LEU B 482 27.73 4.50 -16.41
C LEU B 482 27.24 5.83 -15.82
N ARG B 483 26.21 6.39 -16.42
CA ARG B 483 25.65 7.64 -15.92
C ARG B 483 24.14 7.53 -15.84
N VAL B 484 23.53 8.48 -15.14
CA VAL B 484 22.09 8.55 -15.00
C VAL B 484 21.68 9.98 -15.33
N VAL B 485 20.76 10.12 -16.27
CA VAL B 485 20.29 11.44 -16.68
C VAL B 485 18.79 11.42 -16.95
N ASP B 486 18.03 11.90 -15.96
CA ASP B 486 16.58 11.99 -16.03
C ASP B 486 16.08 12.63 -14.73
N GLY B 487 14.80 12.50 -14.44
CA GLY B 487 14.25 13.11 -13.24
C GLY B 487 14.58 12.48 -11.90
N SER B 488 15.37 11.41 -11.90
CA SER B 488 15.73 10.75 -10.66
C SER B 488 16.91 11.38 -9.93
N THR B 489 17.54 12.36 -10.56
CA THR B 489 18.76 12.95 -10.00
C THR B 489 18.72 14.06 -8.95
N PHE B 490 17.59 14.72 -8.74
CA PHE B 490 17.52 15.80 -7.75
C PHE B 490 16.34 15.63 -6.81
N PRO B 491 16.49 16.07 -5.54
CA PRO B 491 15.42 15.97 -4.53
C PRO B 491 14.25 16.93 -4.63
N TYR B 492 14.46 18.09 -5.21
CA TYR B 492 13.39 19.07 -5.31
C TYR B 492 13.03 19.40 -6.75
N THR B 493 11.77 19.75 -6.97
CA THR B 493 11.31 20.07 -8.31
C THR B 493 11.94 21.41 -8.75
N PRO B 494 12.41 21.47 -10.01
CA PRO B 494 13.06 22.66 -10.58
C PRO B 494 12.17 23.87 -10.85
N ALA B 495 10.88 23.63 -10.95
CA ALA B 495 9.92 24.71 -11.24
C ALA B 495 8.54 24.14 -11.02
N SER B 496 7.52 24.93 -11.33
CA SER B 496 6.15 24.47 -11.18
C SER B 496 5.90 23.26 -12.08
N HIS B 497 6.58 23.25 -13.23
CA HIS B 497 6.44 22.18 -14.21
C HIS B 497 7.87 21.86 -14.62
N PRO B 498 8.32 20.63 -14.34
CA PRO B 498 9.68 20.16 -14.63
C PRO B 498 10.14 19.68 -15.99
N GLN B 499 9.25 19.49 -16.96
CA GLN B 499 9.74 18.97 -18.24
C GLN B 499 10.79 19.86 -18.90
N GLY B 500 10.65 21.17 -18.79
CA GLY B 500 11.63 22.05 -19.40
C GLY B 500 13.04 21.73 -18.90
N PHE B 501 13.18 21.60 -17.59
CA PHE B 501 14.47 21.29 -16.98
C PHE B 501 14.99 19.91 -17.41
N TYR B 502 14.11 18.91 -17.41
CA TYR B 502 14.54 17.56 -17.80
C TYR B 502 14.90 17.47 -19.29
N LEU B 503 14.20 18.21 -20.14
CA LEU B 503 14.52 18.20 -21.57
C LEU B 503 15.90 18.82 -21.73
N MET B 504 16.13 19.94 -21.05
CA MET B 504 17.40 20.64 -21.11
C MET B 504 18.52 19.75 -20.57
N LEU B 505 18.26 19.08 -19.45
CA LEU B 505 19.25 18.22 -18.81
C LEU B 505 19.82 17.17 -19.77
N GLY B 506 18.96 16.59 -20.59
CA GLY B 506 19.40 15.57 -21.53
C GLY B 506 20.48 16.07 -22.47
N ARG B 507 20.20 17.17 -23.14
CA ARG B 507 21.21 17.72 -24.06
C ARG B 507 22.41 18.29 -23.30
N TYR B 508 22.16 18.92 -22.16
CA TYR B 508 23.24 19.50 -21.36
C TYR B 508 24.32 18.46 -21.07
N VAL B 509 23.90 17.32 -20.52
CA VAL B 509 24.87 16.27 -20.20
C VAL B 509 25.49 15.71 -21.48
N GLY B 510 24.71 15.64 -22.55
CA GLY B 510 25.25 15.16 -23.81
C GLY B 510 26.41 16.02 -24.25
N ILE B 511 26.24 17.35 -24.14
CA ILE B 511 27.29 18.29 -24.50
C ILE B 511 28.50 18.14 -23.58
N LYS B 512 28.25 17.95 -22.29
CA LYS B 512 29.35 17.79 -21.34
C LYS B 512 30.16 16.55 -21.71
N ILE B 513 29.47 15.50 -22.15
CA ILE B 513 30.16 14.27 -22.54
C ILE B 513 30.98 14.49 -23.80
N LEU B 514 30.40 15.22 -24.76
CA LEU B 514 31.12 15.49 -26.01
C LEU B 514 32.36 16.34 -25.73
N GLN B 515 32.24 17.30 -24.82
CA GLN B 515 33.37 18.17 -24.49
C GLN B 515 34.47 17.33 -23.84
N GLU B 516 34.07 16.35 -23.05
CA GLU B 516 35.04 15.48 -22.39
C GLU B 516 35.74 14.61 -23.43
N ARG B 517 34.99 14.08 -24.39
CA ARG B 517 35.56 13.26 -25.44
C ARG B 517 36.52 14.07 -26.31
N SER B 518 36.21 15.34 -26.52
CA SER B 518 37.06 16.21 -27.33
C SER B 518 38.39 16.44 -26.64
N ALA B 519 38.36 16.59 -25.32
CA ALA B 519 39.56 16.82 -24.54
C ALA B 519 40.45 15.59 -24.47
N SER B 520 39.87 14.41 -24.65
CA SER B 520 40.63 13.17 -24.58
C SER B 520 40.96 12.53 -25.92
N ASP B 521 40.73 13.25 -27.02
CA ASP B 521 41.04 12.71 -28.34
C ASP B 521 42.54 12.67 -28.58
C1 NAG C . 7.08 -24.16 22.09
C2 NAG C . 7.71 -24.36 20.69
C3 NAG C . 9.24 -24.24 20.77
C4 NAG C . 9.63 -22.92 21.43
C5 NAG C . 9.01 -22.90 22.83
C6 NAG C . 9.36 -21.66 23.63
C7 NAG C . 6.48 -25.82 19.20
C8 NAG C . 6.13 -27.26 18.83
N2 NAG C . 7.34 -25.68 20.21
O3 NAG C . 9.78 -24.31 19.45
O4 NAG C . 11.08 -22.75 21.49
O5 NAG C . 7.57 -22.95 22.71
O6 NAG C . 8.86 -20.49 23.00
O7 NAG C . 5.96 -24.88 18.60
C1 NDG C . 11.90 -23.79 21.90
C2 NDG C . 13.20 -23.27 22.58
C3 NDG C . 14.22 -22.73 21.56
C4 NDG C . 14.43 -23.73 20.43
C5 NDG C . 13.06 -24.02 19.80
C6 NDG C . 13.17 -24.97 18.62
C7 NDG C . 12.76 -22.47 24.81
C8 NDG C . 13.03 -21.31 25.75
O5 NDG C . 12.19 -24.64 20.77
O3 NDG C . 15.46 -22.50 22.21
O4 NDG C . 15.32 -23.19 19.46
O6 NDG C . 14.00 -26.08 18.93
O7 NDG C . 12.50 -23.57 25.25
N2 NDG C . 12.86 -22.21 23.50
C1 NAG D . -2.09 -27.78 32.44
C2 NAG D . -1.29 -28.69 33.38
C3 NAG D . -0.22 -29.49 32.62
C4 NAG D . -0.83 -30.18 31.41
C5 NAG D . -1.51 -29.12 30.55
C6 NAG D . -2.11 -29.65 29.27
C7 NAG D . -1.21 -27.83 35.63
C8 NAG D . -0.66 -26.78 36.58
N2 NAG D . -0.67 -27.90 34.41
O3 NAG D . 0.34 -30.47 33.51
O4 NAG D . 0.18 -30.88 30.66
O5 NAG D . -2.58 -28.51 31.30
O6 NAG D . -2.65 -28.58 28.48
O7 NAG D . -2.14 -28.56 35.99
C1 NAG D . -0.13 -32.20 30.37
C2 NAG D . 0.87 -32.77 29.37
C3 NAG D . 0.54 -34.25 29.12
C4 NAG D . 0.41 -35.04 30.43
C5 NAG D . -0.52 -34.32 31.41
C6 NAG D . -0.54 -34.96 32.78
C7 NAG D . 1.69 -31.10 27.83
C8 NAG D . 1.60 -30.43 26.47
N2 NAG D . 0.79 -32.03 28.12
O3 NAG D . 1.56 -34.83 28.31
O4 NAG D . -0.13 -36.35 30.16
O5 NAG D . -0.09 -32.95 31.59
O6 NAG D . 0.72 -34.84 33.42
O7 NAG D . 2.59 -30.76 28.61
C1 BMA D . 0.75 -37.42 30.28
C2 BMA D . -0.05 -38.74 30.30
C3 BMA D . 0.90 -39.94 30.30
C4 BMA D . 1.89 -39.83 29.14
C5 BMA D . 2.60 -38.47 29.19
C6 BMA D . 3.51 -38.26 27.98
O2 BMA D . -0.90 -38.80 29.17
O3 BMA D . 0.16 -41.13 30.17
O4 BMA D . 2.85 -40.87 29.22
O5 BMA D . 1.63 -37.39 29.17
O6 BMA D . 2.71 -37.95 26.82
C1 MAN D . 3.49 -37.56 25.72
C2 MAN D . 2.59 -36.91 24.66
C3 MAN D . 1.67 -37.96 24.03
C4 MAN D . 2.51 -39.13 23.49
C5 MAN D . 3.39 -39.70 24.60
C6 MAN D . 4.33 -40.78 24.09
O2 MAN D . 3.39 -36.30 23.67
O3 MAN D . 0.92 -37.38 22.98
O4 MAN D . 1.64 -40.14 23.00
O5 MAN D . 4.22 -38.65 25.15
O6 MAN D . 4.67 -41.68 25.15
C1 FUC D . 1.60 -30.16 34.04
C2 FUC D . 1.79 -30.87 35.38
C3 FUC D . 1.90 -32.39 35.17
C4 FUC D . 3.02 -32.69 34.15
C5 FUC D . 2.77 -31.92 32.86
C6 FUC D . 3.90 -32.08 31.85
O2 FUC D . 0.68 -30.59 36.23
O3 FUC D . 2.18 -33.02 36.40
O4 FUC D . 4.27 -32.31 34.71
O5 FUC D . 2.66 -30.50 33.14
C1 NAG E . 15.49 -11.61 12.92
C2 NAG E . 16.38 -10.38 13.13
C3 NAG E . 17.64 -10.77 13.92
C4 NAG E . 17.25 -11.51 15.20
C5 NAG E . 16.33 -12.68 14.89
C6 NAG E . 15.83 -13.38 16.14
C7 NAG E . 16.38 -8.59 11.52
C8 NAG E . 16.60 -8.15 10.07
N2 NAG E . 16.76 -9.81 11.85
O3 NAG E . 18.38 -9.58 14.25
O4 NAG E . 18.45 -12.00 15.84
O5 NAG E . 15.16 -12.20 14.18
O6 NAG E . 15.15 -12.49 17.00
O7 NAG E . 15.86 -7.80 12.32
C1 NAG E . 18.57 -11.73 17.20
C2 NAG E . 19.66 -12.62 17.80
C3 NAG E . 19.86 -12.26 19.28
C4 NAG E . 20.10 -10.76 19.45
C5 NAG E . 19.02 -9.94 18.73
C6 NAG E . 19.30 -8.45 18.73
C7 NAG E . 19.92 -14.82 16.87
C8 NAG E . 19.58 -16.30 16.94
N2 NAG E . 19.27 -14.01 17.69
O3 NAG E . 20.97 -12.97 19.79
O4 NAG E . 20.08 -10.43 20.85
O5 NAG E . 18.92 -10.35 17.35
O6 NAG E . 18.16 -7.70 18.36
O7 NAG E . 20.77 -14.42 16.06
C1 BMA E . 21.25 -9.93 21.39
C2 BMA E . 20.96 -9.37 22.79
C3 BMA E . 22.26 -8.91 23.44
C4 BMA E . 23.31 -10.02 23.42
C5 BMA E . 23.48 -10.55 21.99
C6 BMA E . 24.42 -11.75 21.94
O2 BMA E . 20.35 -10.37 23.58
O3 BMA E . 22.00 -8.52 24.81
O4 BMA E . 24.56 -9.51 23.88
O5 BMA E . 22.20 -10.99 21.47
O6 BMA E . 24.01 -12.76 22.85
C1 BMA E . 22.30 -7.19 25.12
C2 BMA E . 21.04 -6.32 25.05
C3 BMA E . 20.44 -6.08 26.44
C4 BMA E . 20.65 -7.31 27.32
C5 BMA E . 22.15 -7.57 27.52
C6 BMA E . 22.50 -9.04 27.68
O2 BMA E . 20.08 -6.94 24.21
O3 BMA E . 19.06 -5.80 26.32
O4 BMA E . 20.03 -7.10 28.58
O5 BMA E . 22.93 -7.07 26.41
O6 BMA E . 23.72 -9.21 28.39
C1 FUC E . 19.47 -9.30 13.42
C2 FUC E . 20.04 -7.92 13.76
C3 FUC E . 20.72 -7.96 15.14
C4 FUC E . 21.77 -9.08 15.18
C5 FUC E . 21.13 -10.41 14.78
C6 FUC E . 22.15 -11.54 14.69
O2 FUC E . 19.01 -6.95 13.77
O3 FUC E . 21.34 -6.72 15.40
O4 FUC E . 22.83 -8.77 14.28
O5 FUC E . 20.49 -10.29 13.49
C1 NAG F . 13.62 29.92 -6.42
C2 NAG F . 12.43 30.10 -5.46
C3 NAG F . 12.90 30.75 -4.15
C4 NAG F . 14.15 30.06 -3.57
C5 NAG F . 15.22 29.85 -4.66
C6 NAG F . 16.40 29.03 -4.18
C7 NAG F . 10.29 30.44 -6.52
C8 NAG F . 9.27 31.43 -7.07
N2 NAG F . 11.44 30.95 -6.10
O3 NAG F . 11.86 30.70 -3.20
O4 NAG F . 14.71 30.87 -2.52
O5 NAG F . 14.65 29.16 -5.78
O6 NAG F . 15.99 27.72 -3.81
O7 NAG F . 10.01 29.24 -6.50
C1 NAG F . 14.25 30.66 -1.23
C2 NAG F . 15.35 30.99 -0.23
C3 NAG F . 14.81 30.80 1.19
C4 NAG F . 13.57 31.67 1.39
C5 NAG F . 12.54 31.37 0.30
C6 NAG F . 11.35 32.31 0.37
C7 NAG F . 17.48 30.53 -1.27
C8 NAG F . 18.45 29.47 -1.75
N2 NAG F . 16.51 30.13 -0.44
O3 NAG F . 15.81 31.17 2.14
O4 NAG F . 13.01 31.42 2.67
O5 NAG F . 13.12 31.52 -1.02
O6 NAG F . 11.78 33.67 0.37
O7 NAG F . 17.59 31.70 -1.64
C1 NAG G . 19.97 32.63 -18.77
C2 NAG G . 20.71 33.95 -18.52
C3 NAG G . 19.97 34.84 -17.51
C4 NAG G . 18.50 34.97 -17.90
C5 NAG G . 17.89 33.58 -18.05
C6 NAG G . 16.43 33.58 -18.41
C7 NAG G . 23.08 33.75 -18.85
C8 NAG G . 24.42 33.24 -18.34
N2 NAG G . 22.04 33.68 -18.02
O3 NAG G . 20.57 36.15 -17.50
O4 NAG G . 17.78 35.73 -16.91
O5 NAG G . 18.59 32.87 -19.09
O6 NAG G . 15.91 32.26 -18.45
O7 NAG G . 22.99 34.21 -19.99
C1 NAG G . 17.05 36.79 -17.42
C2 NAG G . 16.15 37.38 -16.35
C3 NAG G . 15.36 38.56 -16.96
C4 NAG G . 16.29 39.57 -17.66
C5 NAG G . 17.29 38.86 -18.59
C6 NAG G . 18.37 39.79 -19.10
C7 NAG G . 15.46 35.75 -14.72
C8 NAG G . 14.35 34.87 -14.17
N2 NAG G . 15.23 36.37 -15.87
O3 NAG G . 14.65 39.22 -15.92
O4 NAG G . 15.49 40.48 -18.45
O5 NAG G . 17.96 37.78 -17.89
O6 NAG G . 18.87 39.35 -20.35
O7 NAG G . 16.52 35.85 -14.10
C1 BMA G . 15.43 41.78 -18.00
C2 BMA G . 14.71 42.64 -19.04
C3 BMA G . 14.52 44.07 -18.52
C4 BMA G . 13.83 44.05 -17.15
C5 BMA G . 14.57 43.11 -16.19
C6 BMA G . 13.80 42.93 -14.89
O2 BMA G . 13.44 42.06 -19.34
O3 BMA G . 13.72 44.80 -19.44
O4 BMA G . 13.80 45.36 -16.61
O5 BMA G . 14.70 41.79 -16.76
O6 BMA G . 12.65 42.10 -15.12
C1 MAN G . 11.97 41.76 -13.94
C2 MAN G . 10.92 40.69 -14.27
C3 MAN G . 9.80 41.30 -15.13
C4 MAN G . 9.21 42.53 -14.45
C5 MAN G . 10.33 43.53 -14.11
C6 MAN G . 9.83 44.72 -13.32
O2 MAN G . 10.37 40.18 -13.06
O3 MAN G . 8.78 40.33 -15.35
O4 MAN G . 8.26 43.14 -15.31
O5 MAN G . 11.36 42.88 -13.32
O6 MAN G . 9.76 45.88 -14.13
C1 FUC G . 21.47 36.39 -16.46
C2 FUC G . 22.41 37.54 -16.85
C3 FUC G . 21.65 38.87 -16.87
C4 FUC G . 20.95 39.10 -15.53
C5 FUC G . 20.05 37.90 -15.21
C6 FUC G . 19.39 38.01 -13.85
O2 FUC G . 22.96 37.29 -18.14
O3 FUC G . 22.55 39.94 -17.13
O4 FUC G . 21.92 39.25 -14.50
O5 FUC G . 20.82 36.68 -15.21
C1 NAG H . 11.35 18.85 7.25
C2 NAG H . 12.08 18.06 8.35
C3 NAG H . 13.06 18.98 9.10
C4 NAG H . 13.97 19.72 8.11
C5 NAG H . 13.12 20.44 7.06
C6 NAG H . 13.96 21.13 6.00
C7 NAG H . 10.95 16.19 9.35
C8 NAG H . 10.25 15.64 10.57
N2 NAG H . 11.13 17.50 9.28
O3 NAG H . 13.88 18.18 9.98
O4 NAG H . 14.78 20.68 8.82
O5 NAG H . 12.28 19.48 6.37
O6 NAG H . 14.72 20.19 5.25
O7 NAG H . 11.33 15.41 8.46
C1 NAG H . 16.13 20.65 8.47
C2 NAG H . 16.81 21.95 8.82
C3 NAG H . 18.29 21.87 8.40
C4 NAG H . 18.99 20.52 8.73
C5 NAG H . 18.04 19.30 8.62
C6 NAG H . 18.57 18.08 9.36
C7 NAG H . 15.31 23.84 8.77
C8 NAG H . 15.21 25.28 8.30
N2 NAG H . 16.17 23.04 8.13
O3 NAG H . 19.02 22.92 9.04
O4 NAG H . 20.05 20.31 7.78
O5 NAG H . 16.74 19.58 9.17
O6 NAG H . 18.19 16.88 8.68
O7 NAG H . 14.62 23.46 9.72
C1 BMA H . 21.36 20.64 8.08
C2 BMA H . 21.77 20.02 9.43
C3 BMA H . 23.27 20.24 9.68
C4 BMA H . 24.07 19.69 8.49
C5 BMA H . 23.58 20.35 7.20
C6 BMA H . 24.28 19.78 5.98
O2 BMA H . 21.49 18.64 9.42
O3 BMA H . 23.66 19.57 10.86
O4 BMA H . 25.46 19.97 8.68
O5 BMA H . 22.17 20.12 7.03
O6 BMA H . 23.57 18.68 5.45
C1 FUC H . 13.49 18.15 11.31
C2 FUC H . 14.27 17.05 12.06
C3 FUC H . 15.74 17.44 12.18
C4 FUC H . 15.89 18.81 12.85
C5 FUC H . 15.06 19.84 12.07
C6 FUC H . 15.05 21.21 12.74
O2 FUC H . 14.15 15.83 11.34
O3 FUC H . 16.43 16.47 12.95
O4 FUC H . 15.42 18.74 14.19
O5 FUC H . 13.68 19.41 11.97
C1 NAG I . -11.67 -25.29 -14.88
C2 NAG I . -10.71 -24.12 -15.20
C3 NAG I . -9.99 -24.34 -16.53
C4 NAG I . -9.37 -25.73 -16.61
C5 NAG I . -10.45 -26.77 -16.32
C6 NAG I . -9.95 -28.19 -16.39
C7 NAG I . -11.39 -22.01 -14.24
C8 NAG I . -12.10 -20.68 -14.43
N2 NAG I . -11.47 -22.88 -15.25
O3 NAG I . -8.97 -23.35 -16.68
O4 NAG I . -8.82 -25.95 -17.90
O5 NAG I . -10.99 -26.55 -15.00
O6 NAG I . -10.66 -28.93 -17.37
O7 NAG I . -10.78 -22.24 -13.20
PA FAD J . -11.73 -10.19 17.78
O1A FAD J . -12.46 -11.47 18.06
O2A FAD J . -11.76 -9.73 16.48
O5B FAD J . -12.60 -9.25 18.57
C5B FAD J . -12.54 -7.78 18.57
C4B FAD J . -13.97 -7.30 18.54
O4B FAD J . -13.95 -5.81 18.68
C3B FAD J . -14.78 -7.57 17.22
O3B FAD J . -15.98 -8.23 17.46
C2B FAD J . -14.92 -6.14 16.58
O2B FAD J . -16.05 -6.01 15.77
C1B FAD J . -14.98 -5.27 17.80
N9A FAD J . -14.54 -3.88 17.65
C8A FAD J . -13.40 -3.43 17.02
N7A FAD J . -13.28 -2.10 17.08
C5A FAD J . -14.39 -1.68 17.77
C6A FAD J . -14.84 -0.34 18.19
N6A FAD J . -14.20 0.76 17.92
N1A FAD J . -16.03 -0.32 18.90
C2A FAD J . -16.75 -1.47 19.20
N3A FAD J . -16.40 -2.74 18.87
C4A FAD J . -15.20 -2.79 18.16
N1 FAD J . -7.84 -18.98 15.06
C2 FAD J . -7.89 -20.23 15.47
O2 FAD J . -7.50 -20.57 16.56
N3 FAD J . -8.49 -21.26 14.66
C4 FAD J . -8.99 -20.99 13.38
O4 FAD J . -9.48 -21.88 12.73
C4X FAD J . -8.86 -19.62 12.89
N5 FAD J . -9.22 -19.29 11.61
C5X FAD J . -9.31 -17.96 11.28
C6 FAD J . -9.91 -17.62 10.02
C7 FAD J . -10.05 -16.29 9.62
C7M FAD J . -10.70 -15.97 8.29
C8 FAD J . -9.60 -15.21 10.52
C8M FAD J . -9.82 -13.75 10.20
C9 FAD J . -8.98 -15.53 11.76
C9A FAD J . -8.82 -16.90 12.14
N10 FAD J . -8.28 -17.31 13.43
C10 FAD J . -8.30 -18.61 13.82
C1' FAD J . -7.73 -16.26 14.34
C2' FAD J . -8.62 -15.98 15.56
O2' FAD J . -9.99 -16.13 15.17
C3' FAD J . -8.31 -14.55 16.00
O3' FAD J . -6.91 -14.46 16.28
C4' FAD J . -9.10 -14.20 17.27
O4' FAD J . -10.50 -14.38 17.07
C5' FAD J . -8.78 -12.77 17.62
O5' FAD J . -9.48 -12.42 18.96
P FAD J . -9.55 -10.99 19.46
O1P FAD J . -10.39 -11.02 20.70
O2P FAD J . -8.28 -10.39 19.56
O3P FAD J . -10.23 -10.19 18.43
C1 IPA K . 1.36 -15.43 23.16
C2 IPA K . 2.39 -16.17 23.96
C3 IPA K . 2.44 -15.42 25.28
O2 IPA K . 3.74 -16.06 23.40
C1 NAG L . -24.34 15.64 -12.52
C2 NAG L . -25.55 14.77 -12.12
C3 NAG L . -26.41 15.50 -11.07
C4 NAG L . -25.53 15.97 -9.92
C5 NAG L . -24.37 16.80 -10.44
C6 NAG L . -23.46 17.22 -9.31
C7 NAG L . -26.28 13.20 -13.82
C8 NAG L . -27.18 12.88 -15.00
N2 NAG L . -26.34 14.43 -13.30
O3 NAG L . -27.42 14.64 -10.58
O4 NAG L . -26.27 16.73 -8.98
O5 NAG L . -23.60 16.01 -11.36
O6 NAG L . -22.69 18.36 -9.68
O7 NAG L . -25.52 12.34 -13.38
PA FAD M . 10.29 9.76 -18.77
O1A FAD M . 10.00 10.75 -19.85
O2A FAD M . 9.26 9.02 -18.27
O5B FAD M . 11.17 8.81 -19.56
C5B FAD M . 11.66 7.51 -19.13
C4B FAD M . 11.49 6.59 -20.31
O4B FAD M . 12.13 5.28 -19.96
C3B FAD M . 10.01 6.23 -20.71
O3B FAD M . 9.77 6.49 -22.06
C2B FAD M . 9.89 4.73 -20.27
O2B FAD M . 8.94 4.02 -21.02
C1B FAD M . 11.28 4.22 -20.50
N9A FAD M . 11.70 3.07 -19.70
C8A FAD M . 11.54 2.87 -18.34
N7A FAD M . 12.07 1.73 -17.91
C5A FAD M . 12.59 1.15 -19.05
C6A FAD M . 13.33 -0.11 -19.27
N6A FAD M . 13.61 -0.96 -18.32
N1A FAD M . 13.71 -0.35 -20.59
C2A FAD M . 13.43 0.52 -21.62
N3A FAD M . 12.78 1.71 -21.50
C4A FAD M . 12.38 1.98 -20.20
N1 FAD M . 5.70 18.36 -16.56
C2 FAD M . 5.66 19.59 -17.06
O2 FAD M . 6.64 20.32 -17.10
N3 FAD M . 4.45 20.12 -17.62
C4 FAD M . 3.26 19.39 -17.62
O4 FAD M . 2.25 19.88 -18.11
C4X FAD M . 3.29 18.07 -17.02
N5 FAD M . 2.13 17.33 -16.90
C5X FAD M . 2.27 15.99 -16.54
C6 FAD M . 1.10 15.16 -16.63
C7 FAD M . 1.16 13.81 -16.29
C7M FAD M . -0.10 12.96 -16.41
C8 FAD M . 2.43 13.21 -15.85
C8M FAD M . 2.58 11.73 -15.56
C9 FAD M . 3.58 14.02 -15.75
C9A FAD M . 3.52 15.41 -16.08
N10 FAD M . 4.67 16.29 -16.06
C10 FAD M . 4.59 17.57 -16.53
C1' FAD M . 5.97 15.75 -15.57
C2' FAD M . 7.00 15.48 -16.69
O2' FAD M . 6.28 15.05 -17.85
C3' FAD M . 7.95 14.40 -16.18
O3' FAD M . 8.53 14.85 -14.95
C4' FAD M . 9.07 14.15 -17.21
O4' FAD M . 8.52 13.80 -18.48
C5' FAD M . 9.94 13.05 -16.66
O5' FAD M . 11.14 12.84 -17.63
P FAD M . 12.07 11.63 -17.48
O1P FAD M . 13.02 11.69 -18.65
O2P FAD M . 12.63 11.56 -16.21
O3P FAD M . 11.24 10.41 -17.60
C1 IPA N . 16.32 20.33 -9.68
C2 IPA N . 17.05 21.53 -9.16
C3 IPA N . 18.51 21.21 -9.40
O2 IPA N . 16.94 21.71 -7.71
#